data_1XWU
# 
_entry.id   1XWU 
# 
_audit_conform.dict_name       mmcif_pdbx.dic 
_audit_conform.dict_version    5.392 
_audit_conform.dict_location   http://mmcif.pdb.org/dictionaries/ascii/mmcif_pdbx.dic 
# 
loop_
_database_2.database_id 
_database_2.database_code 
_database_2.pdbx_database_accession 
_database_2.pdbx_DOI 
PDB   1XWU         pdb_00001xwu 10.2210/pdb1xwu/pdb 
RCSB  RCSB030858   ?            ?                   
WWPDB D_1000030858 ?            ?                   
# 
loop_
_pdbx_audit_revision_history.ordinal 
_pdbx_audit_revision_history.data_content_type 
_pdbx_audit_revision_history.major_revision 
_pdbx_audit_revision_history.minor_revision 
_pdbx_audit_revision_history.revision_date 
1 'Structure model' 1 0 2005-02-15 
2 'Structure model' 1 1 2008-04-30 
3 'Structure model' 1 2 2011-07-13 
4 'Structure model' 1 3 2022-03-02 
5 'Structure model' 1 4 2024-05-29 
# 
_pdbx_audit_revision_details.ordinal             1 
_pdbx_audit_revision_details.revision_ordinal    1 
_pdbx_audit_revision_details.data_content_type   'Structure model' 
_pdbx_audit_revision_details.provider            repository 
_pdbx_audit_revision_details.type                'Initial release' 
_pdbx_audit_revision_details.description         ? 
_pdbx_audit_revision_details.details             ? 
# 
loop_
_pdbx_audit_revision_group.ordinal 
_pdbx_audit_revision_group.revision_ordinal 
_pdbx_audit_revision_group.data_content_type 
_pdbx_audit_revision_group.group 
1 2 'Structure model' 'Version format compliance' 
2 3 'Structure model' 'Version format compliance' 
3 4 'Structure model' 'Data collection'           
4 4 'Structure model' 'Database references'       
5 4 'Structure model' 'Derived calculations'      
6 5 'Structure model' 'Data collection'           
# 
loop_
_pdbx_audit_revision_category.ordinal 
_pdbx_audit_revision_category.revision_ordinal 
_pdbx_audit_revision_category.data_content_type 
_pdbx_audit_revision_category.category 
1 4 'Structure model' database_2            
2 4 'Structure model' pdbx_nmr_software     
3 4 'Structure model' pdbx_struct_assembly  
4 4 'Structure model' pdbx_struct_oper_list 
5 5 'Structure model' chem_comp_atom        
6 5 'Structure model' chem_comp_bond        
# 
loop_
_pdbx_audit_revision_item.ordinal 
_pdbx_audit_revision_item.revision_ordinal 
_pdbx_audit_revision_item.data_content_type 
_pdbx_audit_revision_item.item 
1 4 'Structure model' '_database_2.pdbx_DOI'                
2 4 'Structure model' '_database_2.pdbx_database_accession' 
3 4 'Structure model' '_pdbx_nmr_software.name'             
# 
_pdbx_database_status.status_code                     REL 
_pdbx_database_status.entry_id                        1XWU 
_pdbx_database_status.recvd_initial_deposition_date   2004-11-02 
_pdbx_database_status.deposit_site                    RCSB 
_pdbx_database_status.process_site                    PDBJ 
_pdbx_database_status.status_code_sf                  ? 
_pdbx_database_status.status_code_mr                  REL 
_pdbx_database_status.SG_entry                        ? 
_pdbx_database_status.pdb_format_compatible           Y 
_pdbx_database_status.status_code_cs                  ? 
_pdbx_database_status.status_code_nmr_data            ? 
_pdbx_database_status.methods_development_category    ? 
# 
_pdbx_database_related.db_name        PDB 
_pdbx_database_related.db_id          1XWP 
_pdbx_database_related.details        'Another hairpin loop domain of an RNA aptamer against mammalian initiation factor 4A' 
_pdbx_database_related.content_type   unspecified 
# 
loop_
_audit_author.name 
_audit_author.pdbx_ordinal 
'Sakamoto, T.' 1 
'Oguro, A.'    2 
'Kawai, G.'    3 
'Ohtsu, T.'    4 
'Nakamura, Y.' 5 
# 
_citation.id                        primary 
_citation.title                     'NMR structures of double loops of an RNA aptamer against mammalian initiation factor 4A' 
_citation.journal_abbrev            'Nucleic Acids Res.' 
_citation.journal_volume            33 
_citation.page_first                745 
_citation.page_last                 754 
_citation.year                      2005 
_citation.journal_id_ASTM           NARHAD 
_citation.country                   UK 
_citation.journal_id_ISSN           0305-1048 
_citation.journal_id_CSD            0389 
_citation.book_publisher            ? 
_citation.pdbx_database_id_PubMed   15687383 
_citation.pdbx_database_id_DOI      10.1093/nar/gki222 
# 
loop_
_citation_author.citation_id 
_citation_author.name 
_citation_author.ordinal 
_citation_author.identifier_ORCID 
primary 'Sakamoto, T.' 1 ? 
primary 'Oguro, A.'    2 ? 
primary 'Kawai, G.'    3 ? 
primary 'Ohtsu, T.'    4 ? 
primary 'Nakamura, Y.' 5 ? 
# 
_entity.id                         1 
_entity.type                       polymer 
_entity.src_method                 syn 
_entity.pdbx_description           "5'-R(*CP*GP*AP*AP*AP*CP*AP*UP*AP*GP*AP*UP*UP*CP*GP*A)-3'" 
_entity.formula_weight             5129.143 
_entity.pdbx_number_of_molecules   1 
_entity.pdbx_ec                    ? 
_entity.pdbx_mutation              ? 
_entity.pdbx_fragment              ? 
_entity.details                    ? 
# 
_entity_name_com.entity_id   1 
_entity_name_com.name        'ACAUAGA hepta-nucleotide loop' 
# 
_entity_poly.entity_id                      1 
_entity_poly.type                           polyribonucleotide 
_entity_poly.nstd_linkage                   no 
_entity_poly.nstd_monomer                   no 
_entity_poly.pdbx_seq_one_letter_code       CGAAACAUAGAUUCGA 
_entity_poly.pdbx_seq_one_letter_code_can   CGAAACAUAGAUUCGA 
_entity_poly.pdbx_strand_id                 A 
_entity_poly.pdbx_target_identifier         ? 
# 
loop_
_entity_poly_seq.entity_id 
_entity_poly_seq.num 
_entity_poly_seq.mon_id 
_entity_poly_seq.hetero 
1 1  C n 
1 2  G n 
1 3  A n 
1 4  A n 
1 5  A n 
1 6  C n 
1 7  A n 
1 8  U n 
1 9  A n 
1 10 G n 
1 11 A n 
1 12 U n 
1 13 U n 
1 14 C n 
1 15 G n 
1 16 A n 
# 
loop_
_chem_comp.id 
_chem_comp.type 
_chem_comp.mon_nstd_flag 
_chem_comp.name 
_chem_comp.pdbx_synonyms 
_chem_comp.formula 
_chem_comp.formula_weight 
A 'RNA linking' y "ADENOSINE-5'-MONOPHOSPHATE" ? 'C10 H14 N5 O7 P' 347.221 
C 'RNA linking' y "CYTIDINE-5'-MONOPHOSPHATE"  ? 'C9 H14 N3 O8 P'  323.197 
G 'RNA linking' y "GUANOSINE-5'-MONOPHOSPHATE" ? 'C10 H14 N5 O8 P' 363.221 
U 'RNA linking' y "URIDINE-5'-MONOPHOSPHATE"   ? 'C9 H13 N2 O9 P'  324.181 
# 
loop_
_pdbx_poly_seq_scheme.asym_id 
_pdbx_poly_seq_scheme.entity_id 
_pdbx_poly_seq_scheme.seq_id 
_pdbx_poly_seq_scheme.mon_id 
_pdbx_poly_seq_scheme.ndb_seq_num 
_pdbx_poly_seq_scheme.pdb_seq_num 
_pdbx_poly_seq_scheme.auth_seq_num 
_pdbx_poly_seq_scheme.pdb_mon_id 
_pdbx_poly_seq_scheme.auth_mon_id 
_pdbx_poly_seq_scheme.pdb_strand_id 
_pdbx_poly_seq_scheme.pdb_ins_code 
_pdbx_poly_seq_scheme.hetero 
A 1 1  C 1  1  1  C C A . n 
A 1 2  G 2  2  2  G G A . n 
A 1 3  A 3  3  3  A A A . n 
A 1 4  A 4  4  4  A A A . n 
A 1 5  A 5  5  5  A A A . n 
A 1 6  C 6  6  6  C C A . n 
A 1 7  A 7  7  7  A A A . n 
A 1 8  U 8  8  8  U U A . n 
A 1 9  A 9  9  9  A A A . n 
A 1 10 G 10 10 10 G G A . n 
A 1 11 A 11 11 11 A A A . n 
A 1 12 U 12 12 12 U U A . n 
A 1 13 U 13 13 13 U U A . n 
A 1 14 C 14 14 14 C C A . n 
A 1 15 G 15 15 15 G G A . n 
A 1 16 A 16 16 16 A A A . n 
# 
_exptl.entry_id          1XWU 
_exptl.method            'SOLUTION NMR' 
_exptl.crystals_number   ? 
# 
_exptl_crystal.id                    1 
_exptl_crystal.density_meas          ? 
_exptl_crystal.density_Matthews      ? 
_exptl_crystal.density_percent_sol   ? 
_exptl_crystal.description           ? 
# 
_diffrn.id                     1 
_diffrn.ambient_temp           ? 
_diffrn.ambient_temp_details   ? 
_diffrn.crystal_id             1 
# 
_diffrn_radiation.diffrn_id                        1 
_diffrn_radiation.wavelength_id                    1 
_diffrn_radiation.pdbx_monochromatic_or_laue_m_l   M 
_diffrn_radiation.monochromator                    ? 
_diffrn_radiation.pdbx_diffrn_protocol             'SINGLE WAVELENGTH' 
_diffrn_radiation.pdbx_scattering_type             ? 
# 
_diffrn_radiation_wavelength.id           1 
_diffrn_radiation_wavelength.wavelength   . 
_diffrn_radiation_wavelength.wt           1.0 
# 
_struct.entry_id                  1XWU 
_struct.title                     'Solution structure of ACAUAGA loop' 
_struct.pdbx_model_details        ? 
_struct.pdbx_CASP_flag            ? 
_struct.pdbx_model_type_details   'minimized average' 
# 
_struct_keywords.entry_id        1XWU 
_struct_keywords.pdbx_keywords   RNA 
_struct_keywords.text            'hairpin loop, RNA' 
# 
_struct_asym.id                            A 
_struct_asym.pdbx_blank_PDB_chainid_flag   N 
_struct_asym.pdbx_modified                 N 
_struct_asym.entity_id                     1 
_struct_asym.details                       ? 
# 
_struct_ref.id                         1 
_struct_ref.entity_id                  1 
_struct_ref.db_name                    PDB 
_struct_ref.db_code                    1XWU 
_struct_ref.pdbx_db_accession          1XWU 
_struct_ref.pdbx_db_isoform            ? 
_struct_ref.pdbx_seq_one_letter_code   ? 
_struct_ref.pdbx_align_begin           ? 
# 
_struct_ref_seq.align_id                      1 
_struct_ref_seq.ref_id                        1 
_struct_ref_seq.pdbx_PDB_id_code              1XWU 
_struct_ref_seq.pdbx_strand_id                A 
_struct_ref_seq.seq_align_beg                 1 
_struct_ref_seq.pdbx_seq_align_beg_ins_code   ? 
_struct_ref_seq.seq_align_end                 16 
_struct_ref_seq.pdbx_seq_align_end_ins_code   ? 
_struct_ref_seq.pdbx_db_accession             1XWU 
_struct_ref_seq.db_align_beg                  1 
_struct_ref_seq.pdbx_db_align_beg_ins_code    ? 
_struct_ref_seq.db_align_end                  16 
_struct_ref_seq.pdbx_db_align_end_ins_code    ? 
_struct_ref_seq.pdbx_auth_seq_align_beg       1 
_struct_ref_seq.pdbx_auth_seq_align_end       16 
# 
_pdbx_struct_assembly.id                   1 
_pdbx_struct_assembly.details              author_defined_assembly 
_pdbx_struct_assembly.method_details       ? 
_pdbx_struct_assembly.oligomeric_details   monomeric 
_pdbx_struct_assembly.oligomeric_count     1 
# 
_pdbx_struct_assembly_gen.assembly_id       1 
_pdbx_struct_assembly_gen.oper_expression   1 
_pdbx_struct_assembly_gen.asym_id_list      A 
# 
_pdbx_struct_oper_list.id                   1 
_pdbx_struct_oper_list.type                 'identity operation' 
_pdbx_struct_oper_list.name                 1_555 
_pdbx_struct_oper_list.symmetry_operation   x,y,z 
_pdbx_struct_oper_list.matrix[1][1]         1.0000000000 
_pdbx_struct_oper_list.matrix[1][2]         0.0000000000 
_pdbx_struct_oper_list.matrix[1][3]         0.0000000000 
_pdbx_struct_oper_list.vector[1]            0.0000000000 
_pdbx_struct_oper_list.matrix[2][1]         0.0000000000 
_pdbx_struct_oper_list.matrix[2][2]         1.0000000000 
_pdbx_struct_oper_list.matrix[2][3]         0.0000000000 
_pdbx_struct_oper_list.vector[2]            0.0000000000 
_pdbx_struct_oper_list.matrix[3][1]         0.0000000000 
_pdbx_struct_oper_list.matrix[3][2]         0.0000000000 
_pdbx_struct_oper_list.matrix[3][3]         1.0000000000 
_pdbx_struct_oper_list.vector[3]            0.0000000000 
# 
_struct_biol.id   1 
# 
loop_
_struct_conn.id 
_struct_conn.conn_type_id 
_struct_conn.pdbx_leaving_atom_flag 
_struct_conn.pdbx_PDB_id 
_struct_conn.ptnr1_label_asym_id 
_struct_conn.ptnr1_label_comp_id 
_struct_conn.ptnr1_label_seq_id 
_struct_conn.ptnr1_label_atom_id 
_struct_conn.pdbx_ptnr1_label_alt_id 
_struct_conn.pdbx_ptnr1_PDB_ins_code 
_struct_conn.pdbx_ptnr1_standard_comp_id 
_struct_conn.ptnr1_symmetry 
_struct_conn.ptnr2_label_asym_id 
_struct_conn.ptnr2_label_comp_id 
_struct_conn.ptnr2_label_seq_id 
_struct_conn.ptnr2_label_atom_id 
_struct_conn.pdbx_ptnr2_label_alt_id 
_struct_conn.pdbx_ptnr2_PDB_ins_code 
_struct_conn.ptnr1_auth_asym_id 
_struct_conn.ptnr1_auth_comp_id 
_struct_conn.ptnr1_auth_seq_id 
_struct_conn.ptnr2_auth_asym_id 
_struct_conn.ptnr2_auth_comp_id 
_struct_conn.ptnr2_auth_seq_id 
_struct_conn.ptnr2_symmetry 
_struct_conn.pdbx_ptnr3_label_atom_id 
_struct_conn.pdbx_ptnr3_label_seq_id 
_struct_conn.pdbx_ptnr3_label_comp_id 
_struct_conn.pdbx_ptnr3_label_asym_id 
_struct_conn.pdbx_ptnr3_label_alt_id 
_struct_conn.pdbx_ptnr3_PDB_ins_code 
_struct_conn.details 
_struct_conn.pdbx_dist_value 
_struct_conn.pdbx_value_order 
_struct_conn.pdbx_role 
hydrog1  hydrog ? ? A C 1 N3 ? ? ? 1_555 A G 15 N1 ? ? A C 1 A G 15 1_555 ? ? ? ? ? ? WATSON-CRICK  ? ? ? 
hydrog2  hydrog ? ? A C 1 N4 ? ? ? 1_555 A G 15 O6 ? ? A C 1 A G 15 1_555 ? ? ? ? ? ? WATSON-CRICK  ? ? ? 
hydrog3  hydrog ? ? A C 1 O2 ? ? ? 1_555 A G 15 N2 ? ? A C 1 A G 15 1_555 ? ? ? ? ? ? WATSON-CRICK  ? ? ? 
hydrog4  hydrog ? ? A C 1 N3 ? ? ? 1_555 A A 16 N6 ? ? A C 1 A A 16 1_555 ? ? ? ? ? ? 'C-A MISPAIR' ? ? ? 
hydrog5  hydrog ? ? A G 2 N1 ? ? ? 1_555 A C 14 N3 ? ? A G 2 A C 14 1_555 ? ? ? ? ? ? WATSON-CRICK  ? ? ? 
hydrog6  hydrog ? ? A G 2 N2 ? ? ? 1_555 A C 14 O2 ? ? A G 2 A C 14 1_555 ? ? ? ? ? ? WATSON-CRICK  ? ? ? 
hydrog7  hydrog ? ? A G 2 O6 ? ? ? 1_555 A C 14 N4 ? ? A G 2 A C 14 1_555 ? ? ? ? ? ? WATSON-CRICK  ? ? ? 
hydrog8  hydrog ? ? A A 3 N1 ? ? ? 1_555 A U 13 N3 ? ? A A 3 A U 13 1_555 ? ? ? ? ? ? WATSON-CRICK  ? ? ? 
hydrog9  hydrog ? ? A A 3 N6 ? ? ? 1_555 A U 13 O4 ? ? A A 3 A U 13 1_555 ? ? ? ? ? ? WATSON-CRICK  ? ? ? 
hydrog10 hydrog ? ? A A 4 N1 ? ? ? 1_555 A U 12 N3 ? ? A A 4 A U 12 1_555 ? ? ? ? ? ? WATSON-CRICK  ? ? ? 
hydrog11 hydrog ? ? A A 4 N6 ? ? ? 1_555 A U 12 O4 ? ? A A 4 A U 12 1_555 ? ? ? ? ? ? WATSON-CRICK  ? ? ? 
hydrog12 hydrog ? ? A A 5 N6 ? ? ? 1_555 A A 11 N1 ? ? A A 5 A A 11 1_555 ? ? ? ? ? ? 'A-A MISPAIR' ? ? ? 
hydrog13 hydrog ? ? A C 6 N4 ? ? ? 1_555 A A 9  N1 ? ? A C 6 A A 9  1_555 ? ? ? ? ? ? 'C-A MISPAIR' ? ? ? 
hydrog14 hydrog ? ? A C 6 N3 ? ? ? 1_555 A G 10 N1 ? ? A C 6 A G 10 1_555 ? ? ? ? ? ? WATSON-CRICK  ? ? ? 
hydrog15 hydrog ? ? A C 6 N4 ? ? ? 1_555 A G 10 O6 ? ? A C 6 A G 10 1_555 ? ? ? ? ? ? WATSON-CRICK  ? ? ? 
hydrog16 hydrog ? ? A C 6 O2 ? ? ? 1_555 A G 10 N2 ? ? A C 6 A G 10 1_555 ? ? ? ? ? ? WATSON-CRICK  ? ? ? 
# 
_struct_conn_type.id          hydrog 
_struct_conn_type.criteria    ? 
_struct_conn_type.reference   ? 
# 
loop_
_pdbx_validate_rmsd_angle.id 
_pdbx_validate_rmsd_angle.PDB_model_num 
_pdbx_validate_rmsd_angle.auth_atom_id_1 
_pdbx_validate_rmsd_angle.auth_asym_id_1 
_pdbx_validate_rmsd_angle.auth_comp_id_1 
_pdbx_validate_rmsd_angle.auth_seq_id_1 
_pdbx_validate_rmsd_angle.PDB_ins_code_1 
_pdbx_validate_rmsd_angle.label_alt_id_1 
_pdbx_validate_rmsd_angle.auth_atom_id_2 
_pdbx_validate_rmsd_angle.auth_asym_id_2 
_pdbx_validate_rmsd_angle.auth_comp_id_2 
_pdbx_validate_rmsd_angle.auth_seq_id_2 
_pdbx_validate_rmsd_angle.PDB_ins_code_2 
_pdbx_validate_rmsd_angle.label_alt_id_2 
_pdbx_validate_rmsd_angle.auth_atom_id_3 
_pdbx_validate_rmsd_angle.auth_asym_id_3 
_pdbx_validate_rmsd_angle.auth_comp_id_3 
_pdbx_validate_rmsd_angle.auth_seq_id_3 
_pdbx_validate_rmsd_angle.PDB_ins_code_3 
_pdbx_validate_rmsd_angle.label_alt_id_3 
_pdbx_validate_rmsd_angle.angle_value 
_pdbx_validate_rmsd_angle.angle_target_value 
_pdbx_validate_rmsd_angle.angle_deviation 
_pdbx_validate_rmsd_angle.angle_standard_deviation 
_pdbx_validate_rmsd_angle.linker_flag 
1 1 "O4'" A C 1  ? ? "C1'" A C 1  ? ? N1    A C 1  ? ? 112.83 108.50 4.33  0.70 N 
2 1 "C1'" A A 9  ? ? "O4'" A A 9  ? ? "C4'" A A 9  ? ? 102.76 109.70 -6.94 0.70 N 
3 1 "O4'" A U 12 ? ? "C1'" A U 12 ? ? N1    A U 12 ? ? 114.58 108.50 6.08  0.70 N 
4 1 "O4'" A G 15 ? ? "C1'" A G 15 ? ? N9    A G 15 ? ? 113.91 108.50 5.41  0.70 N 
# 
loop_
_pdbx_validate_planes.id 
_pdbx_validate_planes.PDB_model_num 
_pdbx_validate_planes.auth_comp_id 
_pdbx_validate_planes.auth_asym_id 
_pdbx_validate_planes.auth_seq_id 
_pdbx_validate_planes.PDB_ins_code 
_pdbx_validate_planes.label_alt_id 
_pdbx_validate_planes.rmsd 
_pdbx_validate_planes.type 
1 1 A A 5  ? ? 0.054 'SIDE CHAIN' 
2 1 A A 9  ? ? 0.058 'SIDE CHAIN' 
3 1 U A 12 ? ? 0.079 'SIDE CHAIN' 
# 
_pdbx_nmr_ensemble.entry_id                             1XWU 
_pdbx_nmr_ensemble.conformers_calculated_total_number   ? 
_pdbx_nmr_ensemble.conformers_submitted_total_number    1 
_pdbx_nmr_ensemble.conformer_selection_criteria         ? 
# 
_pdbx_nmr_representative.entry_id             1XWU 
_pdbx_nmr_representative.conformer_id         ? 
_pdbx_nmr_representative.selection_criteria   'minimized average structure' 
# 
loop_
_pdbx_nmr_sample_details.solution_id 
_pdbx_nmr_sample_details.contents 
_pdbx_nmr_sample_details.solvent_system 
1 '0.5mM RNA; 20mM phosphate buffer NA, 50mM NaCl; 95% H2O, 5% D2O'         '95% H2O/5% D2O' 
2 '0.5mM RNA; 20mM phosphate buffer NA, 50mM NaCl; 100% D2O'                '100% D2O'       
3 '1mM RNA U-15N,13C; 20mM phosphate buffer NA, 50mM NaCl; 95% H2O, 5% D2O' '95% H2O/5% D2O' 
4 '1mM RNA U-15N,13C; 20mM phosphate buffer NA, 50mM NaCl; 100% D2O'        '100% D2O'       
# 
_pdbx_nmr_exptl_sample_conditions.conditions_id       1 
_pdbx_nmr_exptl_sample_conditions.temperature         283 
_pdbx_nmr_exptl_sample_conditions.pressure            ambient 
_pdbx_nmr_exptl_sample_conditions.pH                  6.5 
_pdbx_nmr_exptl_sample_conditions.ionic_strength      '70 mM' 
_pdbx_nmr_exptl_sample_conditions.pressure_units      ? 
_pdbx_nmr_exptl_sample_conditions.temperature_units   K 
# 
loop_
_pdbx_nmr_exptl.experiment_id 
_pdbx_nmr_exptl.solution_id 
_pdbx_nmr_exptl.conditions_id 
_pdbx_nmr_exptl.type 
1 1 1 '2D NOESY' 
2 2 1 '2D NOESY' 
3 2 1 '2D TOCSY' 
4 2 1 DQF-COSY   
5 2 1 HP-COSY    
6 4 1 HCP        
# 
_pdbx_nmr_details.entry_id   1XWU 
_pdbx_nmr_details.text       'The structure was determined using triple-resonance NMR spectroscopy.' 
# 
_pdbx_nmr_refine.entry_id           1XWU 
_pdbx_nmr_refine.method             'simulated annealing' 
_pdbx_nmr_refine.details            
;The structure is based on a total of 292 restraints, 228 are NOE-derived distance constraints, 46 dihedral angle restraints, 13 distance restraints from hydrogen bonds, 5 base planarity restraints.
;
_pdbx_nmr_refine.software_ordinal   1 
# 
loop_
_pdbx_nmr_software.name 
_pdbx_nmr_software.version 
_pdbx_nmr_software.classification 
_pdbx_nmr_software.authors 
_pdbx_nmr_software.ordinal 
XwinNMR  2.6  collection           ? 1 
XwinNMR  2.6  processing           ? 2 
Felix    97.0 'data analysis'      ? 3 
Discover 97.0 'structure solution' ? 4 
Discover 97.0 refinement           ? 5 
# 
loop_
_chem_comp_atom.comp_id 
_chem_comp_atom.atom_id 
_chem_comp_atom.type_symbol 
_chem_comp_atom.pdbx_aromatic_flag 
_chem_comp_atom.pdbx_stereo_config 
_chem_comp_atom.pdbx_ordinal 
A OP3    O N N 1   
A P      P N N 2   
A OP1    O N N 3   
A OP2    O N N 4   
A "O5'"  O N N 5   
A "C5'"  C N N 6   
A "C4'"  C N R 7   
A "O4'"  O N N 8   
A "C3'"  C N S 9   
A "O3'"  O N N 10  
A "C2'"  C N R 11  
A "O2'"  O N N 12  
A "C1'"  C N R 13  
A N9     N Y N 14  
A C8     C Y N 15  
A N7     N Y N 16  
A C5     C Y N 17  
A C6     C Y N 18  
A N6     N N N 19  
A N1     N Y N 20  
A C2     C Y N 21  
A N3     N Y N 22  
A C4     C Y N 23  
A HOP3   H N N 24  
A HOP2   H N N 25  
A "H5'"  H N N 26  
A "H5''" H N N 27  
A "H4'"  H N N 28  
A "H3'"  H N N 29  
A "HO3'" H N N 30  
A "H2'"  H N N 31  
A "HO2'" H N N 32  
A "H1'"  H N N 33  
A H8     H N N 34  
A H61    H N N 35  
A H62    H N N 36  
A H2     H N N 37  
C OP3    O N N 38  
C P      P N N 39  
C OP1    O N N 40  
C OP2    O N N 41  
C "O5'"  O N N 42  
C "C5'"  C N N 43  
C "C4'"  C N R 44  
C "O4'"  O N N 45  
C "C3'"  C N S 46  
C "O3'"  O N N 47  
C "C2'"  C N R 48  
C "O2'"  O N N 49  
C "C1'"  C N R 50  
C N1     N N N 51  
C C2     C N N 52  
C O2     O N N 53  
C N3     N N N 54  
C C4     C N N 55  
C N4     N N N 56  
C C5     C N N 57  
C C6     C N N 58  
C HOP3   H N N 59  
C HOP2   H N N 60  
C "H5'"  H N N 61  
C "H5''" H N N 62  
C "H4'"  H N N 63  
C "H3'"  H N N 64  
C "HO3'" H N N 65  
C "H2'"  H N N 66  
C "HO2'" H N N 67  
C "H1'"  H N N 68  
C H41    H N N 69  
C H42    H N N 70  
C H5     H N N 71  
C H6     H N N 72  
G OP3    O N N 73  
G P      P N N 74  
G OP1    O N N 75  
G OP2    O N N 76  
G "O5'"  O N N 77  
G "C5'"  C N N 78  
G "C4'"  C N R 79  
G "O4'"  O N N 80  
G "C3'"  C N S 81  
G "O3'"  O N N 82  
G "C2'"  C N R 83  
G "O2'"  O N N 84  
G "C1'"  C N R 85  
G N9     N Y N 86  
G C8     C Y N 87  
G N7     N Y N 88  
G C5     C Y N 89  
G C6     C N N 90  
G O6     O N N 91  
G N1     N N N 92  
G C2     C N N 93  
G N2     N N N 94  
G N3     N N N 95  
G C4     C Y N 96  
G HOP3   H N N 97  
G HOP2   H N N 98  
G "H5'"  H N N 99  
G "H5''" H N N 100 
G "H4'"  H N N 101 
G "H3'"  H N N 102 
G "HO3'" H N N 103 
G "H2'"  H N N 104 
G "HO2'" H N N 105 
G "H1'"  H N N 106 
G H8     H N N 107 
G H1     H N N 108 
G H21    H N N 109 
G H22    H N N 110 
U OP3    O N N 111 
U P      P N N 112 
U OP1    O N N 113 
U OP2    O N N 114 
U "O5'"  O N N 115 
U "C5'"  C N N 116 
U "C4'"  C N R 117 
U "O4'"  O N N 118 
U "C3'"  C N S 119 
U "O3'"  O N N 120 
U "C2'"  C N R 121 
U "O2'"  O N N 122 
U "C1'"  C N R 123 
U N1     N N N 124 
U C2     C N N 125 
U O2     O N N 126 
U N3     N N N 127 
U C4     C N N 128 
U O4     O N N 129 
U C5     C N N 130 
U C6     C N N 131 
U HOP3   H N N 132 
U HOP2   H N N 133 
U "H5'"  H N N 134 
U "H5''" H N N 135 
U "H4'"  H N N 136 
U "H3'"  H N N 137 
U "HO3'" H N N 138 
U "H2'"  H N N 139 
U "HO2'" H N N 140 
U "H1'"  H N N 141 
U H3     H N N 142 
U H5     H N N 143 
U H6     H N N 144 
# 
loop_
_chem_comp_bond.comp_id 
_chem_comp_bond.atom_id_1 
_chem_comp_bond.atom_id_2 
_chem_comp_bond.value_order 
_chem_comp_bond.pdbx_aromatic_flag 
_chem_comp_bond.pdbx_stereo_config 
_chem_comp_bond.pdbx_ordinal 
A OP3   P      sing N N 1   
A OP3   HOP3   sing N N 2   
A P     OP1    doub N N 3   
A P     OP2    sing N N 4   
A P     "O5'"  sing N N 5   
A OP2   HOP2   sing N N 6   
A "O5'" "C5'"  sing N N 7   
A "C5'" "C4'"  sing N N 8   
A "C5'" "H5'"  sing N N 9   
A "C5'" "H5''" sing N N 10  
A "C4'" "O4'"  sing N N 11  
A "C4'" "C3'"  sing N N 12  
A "C4'" "H4'"  sing N N 13  
A "O4'" "C1'"  sing N N 14  
A "C3'" "O3'"  sing N N 15  
A "C3'" "C2'"  sing N N 16  
A "C3'" "H3'"  sing N N 17  
A "O3'" "HO3'" sing N N 18  
A "C2'" "O2'"  sing N N 19  
A "C2'" "C1'"  sing N N 20  
A "C2'" "H2'"  sing N N 21  
A "O2'" "HO2'" sing N N 22  
A "C1'" N9     sing N N 23  
A "C1'" "H1'"  sing N N 24  
A N9    C8     sing Y N 25  
A N9    C4     sing Y N 26  
A C8    N7     doub Y N 27  
A C8    H8     sing N N 28  
A N7    C5     sing Y N 29  
A C5    C6     sing Y N 30  
A C5    C4     doub Y N 31  
A C6    N6     sing N N 32  
A C6    N1     doub Y N 33  
A N6    H61    sing N N 34  
A N6    H62    sing N N 35  
A N1    C2     sing Y N 36  
A C2    N3     doub Y N 37  
A C2    H2     sing N N 38  
A N3    C4     sing Y N 39  
C OP3   P      sing N N 40  
C OP3   HOP3   sing N N 41  
C P     OP1    doub N N 42  
C P     OP2    sing N N 43  
C P     "O5'"  sing N N 44  
C OP2   HOP2   sing N N 45  
C "O5'" "C5'"  sing N N 46  
C "C5'" "C4'"  sing N N 47  
C "C5'" "H5'"  sing N N 48  
C "C5'" "H5''" sing N N 49  
C "C4'" "O4'"  sing N N 50  
C "C4'" "C3'"  sing N N 51  
C "C4'" "H4'"  sing N N 52  
C "O4'" "C1'"  sing N N 53  
C "C3'" "O3'"  sing N N 54  
C "C3'" "C2'"  sing N N 55  
C "C3'" "H3'"  sing N N 56  
C "O3'" "HO3'" sing N N 57  
C "C2'" "O2'"  sing N N 58  
C "C2'" "C1'"  sing N N 59  
C "C2'" "H2'"  sing N N 60  
C "O2'" "HO2'" sing N N 61  
C "C1'" N1     sing N N 62  
C "C1'" "H1'"  sing N N 63  
C N1    C2     sing N N 64  
C N1    C6     sing N N 65  
C C2    O2     doub N N 66  
C C2    N3     sing N N 67  
C N3    C4     doub N N 68  
C C4    N4     sing N N 69  
C C4    C5     sing N N 70  
C N4    H41    sing N N 71  
C N4    H42    sing N N 72  
C C5    C6     doub N N 73  
C C5    H5     sing N N 74  
C C6    H6     sing N N 75  
G OP3   P      sing N N 76  
G OP3   HOP3   sing N N 77  
G P     OP1    doub N N 78  
G P     OP2    sing N N 79  
G P     "O5'"  sing N N 80  
G OP2   HOP2   sing N N 81  
G "O5'" "C5'"  sing N N 82  
G "C5'" "C4'"  sing N N 83  
G "C5'" "H5'"  sing N N 84  
G "C5'" "H5''" sing N N 85  
G "C4'" "O4'"  sing N N 86  
G "C4'" "C3'"  sing N N 87  
G "C4'" "H4'"  sing N N 88  
G "O4'" "C1'"  sing N N 89  
G "C3'" "O3'"  sing N N 90  
G "C3'" "C2'"  sing N N 91  
G "C3'" "H3'"  sing N N 92  
G "O3'" "HO3'" sing N N 93  
G "C2'" "O2'"  sing N N 94  
G "C2'" "C1'"  sing N N 95  
G "C2'" "H2'"  sing N N 96  
G "O2'" "HO2'" sing N N 97  
G "C1'" N9     sing N N 98  
G "C1'" "H1'"  sing N N 99  
G N9    C8     sing Y N 100 
G N9    C4     sing Y N 101 
G C8    N7     doub Y N 102 
G C8    H8     sing N N 103 
G N7    C5     sing Y N 104 
G C5    C6     sing N N 105 
G C5    C4     doub Y N 106 
G C6    O6     doub N N 107 
G C6    N1     sing N N 108 
G N1    C2     sing N N 109 
G N1    H1     sing N N 110 
G C2    N2     sing N N 111 
G C2    N3     doub N N 112 
G N2    H21    sing N N 113 
G N2    H22    sing N N 114 
G N3    C4     sing N N 115 
U OP3   P      sing N N 116 
U OP3   HOP3   sing N N 117 
U P     OP1    doub N N 118 
U P     OP2    sing N N 119 
U P     "O5'"  sing N N 120 
U OP2   HOP2   sing N N 121 
U "O5'" "C5'"  sing N N 122 
U "C5'" "C4'"  sing N N 123 
U "C5'" "H5'"  sing N N 124 
U "C5'" "H5''" sing N N 125 
U "C4'" "O4'"  sing N N 126 
U "C4'" "C3'"  sing N N 127 
U "C4'" "H4'"  sing N N 128 
U "O4'" "C1'"  sing N N 129 
U "C3'" "O3'"  sing N N 130 
U "C3'" "C2'"  sing N N 131 
U "C3'" "H3'"  sing N N 132 
U "O3'" "HO3'" sing N N 133 
U "C2'" "O2'"  sing N N 134 
U "C2'" "C1'"  sing N N 135 
U "C2'" "H2'"  sing N N 136 
U "O2'" "HO2'" sing N N 137 
U "C1'" N1     sing N N 138 
U "C1'" "H1'"  sing N N 139 
U N1    C2     sing N N 140 
U N1    C6     sing N N 141 
U C2    O2     doub N N 142 
U C2    N3     sing N N 143 
U N3    C4     sing N N 144 
U N3    H3     sing N N 145 
U C4    O4     doub N N 146 
U C4    C5     sing N N 147 
U C5    C6     doub N N 148 
U C5    H5     sing N N 149 
U C6    H6     sing N N 150 
# 
loop_
_ndb_struct_conf_na.entry_id 
_ndb_struct_conf_na.feature 
1XWU 'double helix'         
1XWU 'a-form double helix'  
1XWU 'mismatched base pair' 
1XWU 'internal loop'        
# 
loop_
_ndb_struct_na_base_pair.model_number 
_ndb_struct_na_base_pair.i_label_asym_id 
_ndb_struct_na_base_pair.i_label_comp_id 
_ndb_struct_na_base_pair.i_label_seq_id 
_ndb_struct_na_base_pair.i_symmetry 
_ndb_struct_na_base_pair.j_label_asym_id 
_ndb_struct_na_base_pair.j_label_comp_id 
_ndb_struct_na_base_pair.j_label_seq_id 
_ndb_struct_na_base_pair.j_symmetry 
_ndb_struct_na_base_pair.shear 
_ndb_struct_na_base_pair.stretch 
_ndb_struct_na_base_pair.stagger 
_ndb_struct_na_base_pair.buckle 
_ndb_struct_na_base_pair.propeller 
_ndb_struct_na_base_pair.opening 
_ndb_struct_na_base_pair.pair_number 
_ndb_struct_na_base_pair.pair_name 
_ndb_struct_na_base_pair.i_auth_asym_id 
_ndb_struct_na_base_pair.i_auth_seq_id 
_ndb_struct_na_base_pair.i_PDB_ins_code 
_ndb_struct_na_base_pair.j_auth_asym_id 
_ndb_struct_na_base_pair.j_auth_seq_id 
_ndb_struct_na_base_pair.j_PDB_ins_code 
_ndb_struct_na_base_pair.hbond_type_28 
_ndb_struct_na_base_pair.hbond_type_12 
1 A C 1 1_555 A G 15 1_555 0.342  -0.034 -0.596 19.723  -23.567 1.647   1 A_C1:G15_A A 1 ? A 15 ? 19 1 
1 A G 2 1_555 A C 14 1_555 -0.206 0.040  -0.749 -29.247 -18.144 -2.541  2 A_G2:C14_A A 2 ? A 14 ? 19 1 
1 A A 3 1_555 A U 13 1_555 -0.012 0.047  -0.470 -28.206 -20.141 0.493   3 A_A3:U13_A A 3 ? A 13 ? 20 1 
1 A A 4 1_555 A U 12 1_555 -0.233 0.021  -0.290 -22.910 -22.047 -5.012  4 A_A4:U12_A A 4 ? A 12 ? 20 1 
1 A A 5 1_555 A A 11 1_555 -1.647 1.623  -0.031 -14.683 -1.098  -16.878 5 A_A5:A11_A A 5 ? A 11 ? ?  ? 
1 A C 6 1_555 A G 10 1_555 0.542  -0.057 0.825  -21.185 8.184   0.145   6 A_C6:G10_A A 6 ? A 10 ? 19 1 
# 
loop_
_ndb_struct_na_base_pair_step.model_number 
_ndb_struct_na_base_pair_step.i_label_asym_id_1 
_ndb_struct_na_base_pair_step.i_label_comp_id_1 
_ndb_struct_na_base_pair_step.i_label_seq_id_1 
_ndb_struct_na_base_pair_step.i_symmetry_1 
_ndb_struct_na_base_pair_step.j_label_asym_id_1 
_ndb_struct_na_base_pair_step.j_label_comp_id_1 
_ndb_struct_na_base_pair_step.j_label_seq_id_1 
_ndb_struct_na_base_pair_step.j_symmetry_1 
_ndb_struct_na_base_pair_step.i_label_asym_id_2 
_ndb_struct_na_base_pair_step.i_label_comp_id_2 
_ndb_struct_na_base_pair_step.i_label_seq_id_2 
_ndb_struct_na_base_pair_step.i_symmetry_2 
_ndb_struct_na_base_pair_step.j_label_asym_id_2 
_ndb_struct_na_base_pair_step.j_label_comp_id_2 
_ndb_struct_na_base_pair_step.j_label_seq_id_2 
_ndb_struct_na_base_pair_step.j_symmetry_2 
_ndb_struct_na_base_pair_step.shift 
_ndb_struct_na_base_pair_step.slide 
_ndb_struct_na_base_pair_step.rise 
_ndb_struct_na_base_pair_step.tilt 
_ndb_struct_na_base_pair_step.roll 
_ndb_struct_na_base_pair_step.twist 
_ndb_struct_na_base_pair_step.x_displacement 
_ndb_struct_na_base_pair_step.y_displacement 
_ndb_struct_na_base_pair_step.helical_rise 
_ndb_struct_na_base_pair_step.inclination 
_ndb_struct_na_base_pair_step.tip 
_ndb_struct_na_base_pair_step.helical_twist 
_ndb_struct_na_base_pair_step.step_number 
_ndb_struct_na_base_pair_step.step_name 
_ndb_struct_na_base_pair_step.i_auth_asym_id_1 
_ndb_struct_na_base_pair_step.i_auth_seq_id_1 
_ndb_struct_na_base_pair_step.i_PDB_ins_code_1 
_ndb_struct_na_base_pair_step.j_auth_asym_id_1 
_ndb_struct_na_base_pair_step.j_auth_seq_id_1 
_ndb_struct_na_base_pair_step.j_PDB_ins_code_1 
_ndb_struct_na_base_pair_step.i_auth_asym_id_2 
_ndb_struct_na_base_pair_step.i_auth_seq_id_2 
_ndb_struct_na_base_pair_step.i_PDB_ins_code_2 
_ndb_struct_na_base_pair_step.j_auth_asym_id_2 
_ndb_struct_na_base_pair_step.j_auth_seq_id_2 
_ndb_struct_na_base_pair_step.j_PDB_ins_code_2 
1 A C 1 1_555 A G 15 1_555 A G 2 1_555 A C 14 1_555 -0.209 -1.733 4.121 2.405  27.319 29.295 -5.917 0.603  1.880 43.808 -3.857 
39.922 1 AA_C1G2:C14G15_AA A 1 ? A 15 ? A 2 ? A 14 ? 
1 A G 2 1_555 A C 14 1_555 A A 3 1_555 A U 13 1_555 0.349  -1.603 3.238 2.144  11.205 31.716 -4.438 -0.283 2.558 19.722 -3.774 
33.656 2 AA_G2A3:U13C14_AA A 2 ? A 14 ? A 3 ? A 13 ? 
1 A A 3 1_555 A U 13 1_555 A A 4 1_555 A U 12 1_555 0.102  -0.903 3.067 1.827  6.652  35.399 -2.323 0.072  2.858 10.813 -2.970 
36.044 3 AA_A3A4:U12U13_AA A 3 ? A 13 ? A 4 ? A 12 ? 
1 A A 4 1_555 A U 12 1_555 A A 5 1_555 A A 11 1_555 -0.515 -2.293 2.801 3.270  1.709  23.486 -6.030 2.135  2.535 4.165  -7.971 
23.770 4 AA_A4A5:A11U12_AA A 4 ? A 12 ? A 5 ? A 11 ? 
1 A A 5 1_555 A A 11 1_555 A C 6 1_555 A G 10 1_555 0.044  -0.420 3.609 -6.733 8.441  28.774 -2.596 -1.522 3.266 16.279 12.985 
30.692 5 AA_A5C6:G10A11_AA A 5 ? A 11 ? A 6 ? A 10 ? 
# 
loop_
_pdbx_nmr_spectrometer.spectrometer_id 
_pdbx_nmr_spectrometer.type 
_pdbx_nmr_spectrometer.manufacturer 
_pdbx_nmr_spectrometer.model 
_pdbx_nmr_spectrometer.field_strength 
1 ? Bruker DRX 500 
2 ? Bruker DRX 600 
# 
_atom_sites.entry_id                    1XWU 
_atom_sites.fract_transf_matrix[1][1]   1.000000 
_atom_sites.fract_transf_matrix[1][2]   0.000000 
_atom_sites.fract_transf_matrix[1][3]   0.000000 
_atom_sites.fract_transf_matrix[2][1]   0.000000 
_atom_sites.fract_transf_matrix[2][2]   1.000000 
_atom_sites.fract_transf_matrix[2][3]   0.000000 
_atom_sites.fract_transf_matrix[3][1]   0.000000 
_atom_sites.fract_transf_matrix[3][2]   0.000000 
_atom_sites.fract_transf_matrix[3][3]   1.000000 
_atom_sites.fract_transf_vector[1]      0.00000 
_atom_sites.fract_transf_vector[2]      0.00000 
_atom_sites.fract_transf_vector[3]      0.00000 
# 
loop_
_atom_type.symbol 
C 
H 
N 
O 
P 
# 
loop_
_atom_site.group_PDB 
_atom_site.id 
_atom_site.type_symbol 
_atom_site.label_atom_id 
_atom_site.label_alt_id 
_atom_site.label_comp_id 
_atom_site.label_asym_id 
_atom_site.label_entity_id 
_atom_site.label_seq_id 
_atom_site.pdbx_PDB_ins_code 
_atom_site.Cartn_x 
_atom_site.Cartn_y 
_atom_site.Cartn_z 
_atom_site.occupancy 
_atom_site.B_iso_or_equiv 
_atom_site.pdbx_formal_charge 
_atom_site.auth_seq_id 
_atom_site.auth_comp_id 
_atom_site.auth_asym_id 
_atom_site.auth_atom_id 
_atom_site.pdbx_PDB_model_num 
ATOM 1   O "O5'"  . C A 1 1  ? -0.037  -9.310  -13.479 1.00 0.00 ? 1  C A "O5'"  1 
ATOM 2   C "C5'"  . C A 1 1  ? -1.131  -8.775  -12.756 1.00 0.00 ? 1  C A "C5'"  1 
ATOM 3   C "C4'"  . C A 1 1  ? -1.191  -9.414  -11.362 1.00 0.00 ? 1  C A "C4'"  1 
ATOM 4   O "O4'"  . C A 1 1  ? -0.072  -9.052  -10.576 1.00 0.00 ? 1  C A "O4'"  1 
ATOM 5   C "C3'"  . C A 1 1  ? -2.377  -8.917  -10.534 1.00 0.00 ? 1  C A "C3'"  1 
ATOM 6   O "O3'"  . C A 1 1  ? -3.592  -9.528  -10.946 1.00 0.00 ? 1  C A "O3'"  1 
ATOM 7   C "C2'"  . C A 1 1  ? -1.926  -9.259  -9.104  1.00 0.00 ? 1  C A "C2'"  1 
ATOM 8   O "O2'"  . C A 1 1  ? -2.442  -10.499 -8.651  1.00 0.00 ? 1  C A "O2'"  1 
ATOM 9   C "C1'"  . C A 1 1  ? -0.394  -9.362  -9.229  1.00 0.00 ? 1  C A "C1'"  1 
ATOM 10  N N1     . C A 1 1  ? 0.328   -8.498  -8.246  1.00 0.00 ? 1  C A N1     1 
ATOM 11  C C2     . C A 1 1  ? 0.759   -9.072  -7.037  1.00 0.00 ? 1  C A C2     1 
ATOM 12  O O2     . C A 1 1  ? 0.524   -10.247 -6.765  1.00 0.00 ? 1  C A O2     1 
ATOM 13  N N3     . C A 1 1  ? 1.441   -8.291  -6.146  1.00 0.00 ? 1  C A N3     1 
ATOM 14  C C4     . C A 1 1  ? 1.678   -6.993  -6.395  1.00 0.00 ? 1  C A C4     1 
ATOM 15  N N4     . C A 1 1  ? 2.320   -6.282  -5.466  1.00 0.00 ? 1  C A N4     1 
ATOM 16  C C5     . C A 1 1  ? 1.211   -6.367  -7.609  1.00 0.00 ? 1  C A C5     1 
ATOM 17  C C6     . C A 1 1  ? 0.545   -7.156  -8.495  1.00 0.00 ? 1  C A C6     1 
ATOM 18  H "H5'"  . C A 1 1  ? -2.061  -8.992  -13.284 1.00 0.00 ? 1  C A "H5'"  1 
ATOM 19  H "H5''" . C A 1 1  ? -1.022  -7.693  -12.656 1.00 0.00 ? 1  C A "H5''" 1 
ATOM 20  H "H4'"  . C A 1 1  ? -1.234  -10.503 -11.454 1.00 0.00 ? 1  C A "H4'"  1 
ATOM 21  H "H3'"  . C A 1 1  ? -2.432  -7.831  -10.641 1.00 0.00 ? 1  C A "H3'"  1 
ATOM 22  H "H2'"  . C A 1 1  ? -2.233  -8.466  -8.423  1.00 0.00 ? 1  C A "H2'"  1 
ATOM 23  H "HO2'" . C A 1 1  ? -3.397  -10.421 -8.573  1.00 0.00 ? 1  C A "HO2'" 1 
ATOM 24  H "H1'"  . C A 1 1  ? -0.100  -10.402 -9.093  1.00 0.00 ? 1  C A "H1'"  1 
ATOM 25  H H41    . C A 1 1  ? 2.604   -6.736  -4.610  1.00 0.00 ? 1  C A H41    1 
ATOM 26  H H42    . C A 1 1  ? 2.486   -5.298  -5.604  1.00 0.00 ? 1  C A H42    1 
ATOM 27  H H5     . C A 1 1  ? 1.363   -5.321  -7.833  1.00 0.00 ? 1  C A H5     1 
ATOM 28  H H6     . C A 1 1  ? 0.179   -6.719  -9.413  1.00 0.00 ? 1  C A H6     1 
ATOM 29  H "HO5'" . C A 1 1  ? 0.727   -8.619  -13.509 1.00 0.00 ? 1  C A "HO5'" 1 
ATOM 30  P P      . G A 1 2  ? -5.041  -9.035  -10.422 1.00 0.00 ? 2  G A P      1 
ATOM 31  O OP1    . G A 1 2  ? -6.068  -9.815  -11.149 1.00 0.00 ? 2  G A OP1    1 
ATOM 32  O OP2    . G A 1 2  ? -5.070  -7.557  -10.482 1.00 0.00 ? 2  G A OP2    1 
ATOM 33  O "O5'"  . G A 1 2  ? -5.075  -9.501  -8.872  1.00 0.00 ? 2  G A "O5'"  1 
ATOM 34  C "C5'"  . G A 1 2  ? -5.232  -8.576  -7.808  1.00 0.00 ? 2  G A "C5'"  1 
ATOM 35  C "C4'"  . G A 1 2  ? -5.243  -9.308  -6.458  1.00 0.00 ? 2  G A "C4'"  1 
ATOM 36  O "O4'"  . G A 1 2  ? -3.976  -9.867  -6.122  1.00 0.00 ? 2  G A "O4'"  1 
ATOM 37  C "C3'"  . G A 1 2  ? -5.598  -8.354  -5.314  1.00 0.00 ? 2  G A "C3'"  1 
ATOM 38  O "O3'"  . G A 1 2  ? -6.996  -8.129  -5.208  1.00 0.00 ? 2  G A "O3'"  1 
ATOM 39  C "C2'"  . G A 1 2  ? -5.005  -9.114  -4.129  1.00 0.00 ? 2  G A "C2'"  1 
ATOM 40  O "O2'"  . G A 1 2  ? -5.801  -10.224 -3.747  1.00 0.00 ? 2  G A "O2'"  1 
ATOM 41  C "C1'"  . G A 1 2  ? -3.692  -9.613  -4.748  1.00 0.00 ? 2  G A "C1'"  1 
ATOM 42  N N9     . G A 1 2  ? -2.634  -8.587  -4.605  1.00 0.00 ? 2  G A N9     1 
ATOM 43  C C8     . G A 1 2  ? -1.992  -7.836  -5.559  1.00 0.00 ? 2  G A C8     1 
ATOM 44  N N7     . G A 1 2  ? -1.156  -6.963  -5.074  1.00 0.00 ? 2  G A N7     1 
ATOM 45  C C5     . G A 1 2  ? -1.204  -7.179  -3.701  1.00 0.00 ? 2  G A C5     1 
ATOM 46  C C6     . G A 1 2  ? -0.477  -6.561  -2.632  1.00 0.00 ? 2  G A C6     1 
ATOM 47  O O6     . G A 1 2  ? 0.326   -5.637  -2.711  1.00 0.00 ? 2  G A O6     1 
ATOM 48  N N1     . G A 1 2  ? -0.760  -7.122  -1.381  1.00 0.00 ? 2  G A N1     1 
ATOM 49  C C2     . G A 1 2  ? -1.652  -8.160  -1.176  1.00 0.00 ? 2  G A C2     1 
ATOM 50  N N2     . G A 1 2  ? -1.780  -8.605  0.075   1.00 0.00 ? 2  G A N2     1 
ATOM 51  N N3     . G A 1 2  ? -2.353  -8.727  -2.176  1.00 0.00 ? 2  G A N3     1 
ATOM 52  C C4     . G A 1 2  ? -2.085  -8.198  -3.409  1.00 0.00 ? 2  G A C4     1 
ATOM 53  H "H5'"  . G A 1 2  ? -6.185  -8.057  -7.930  1.00 0.00 ? 2  G A "H5'"  1 
ATOM 54  H "H5''" . G A 1 2  ? -4.429  -7.837  -7.817  1.00 0.00 ? 2  G A "H5''" 1 
ATOM 55  H "H4'"  . G A 1 2  ? -5.976  -10.116 -6.494  1.00 0.00 ? 2  G A "H4'"  1 
ATOM 56  H "H3'"  . G A 1 2  ? -5.050  -7.418  -5.459  1.00 0.00 ? 2  G A "H3'"  1 
ATOM 57  H "H2'"  . G A 1 2  ? -4.858  -8.465  -3.268  1.00 0.00 ? 2  G A "H2'"  1 
ATOM 58  H "HO2'" . G A 1 2  ? -5.910  -10.803 -4.504  1.00 0.00 ? 2  G A "HO2'" 1 
ATOM 59  H "H1'"  . G A 1 2  ? -3.324  -10.501 -4.230  1.00 0.00 ? 2  G A "H1'"  1 
ATOM 60  H H8     . G A 1 2  ? -2.155  -7.955  -6.621  1.00 0.00 ? 2  G A H8     1 
ATOM 61  H H1     . G A 1 2  ? -0.302  -6.738  -0.573  1.00 0.00 ? 2  G A H1     1 
ATOM 62  H H21    . G A 1 2  ? -1.259  -8.172  0.826   1.00 0.00 ? 2  G A H21    1 
ATOM 63  H H22    . G A 1 2  ? -2.410  -9.370  0.265   1.00 0.00 ? 2  G A H22    1 
ATOM 64  P P      . A A 1 3  ? -7.605  -6.790  -4.533  1.00 0.00 ? 3  A A P      1 
ATOM 65  O OP1    . A A 1 3  ? -9.078  -6.929  -4.499  1.00 0.00 ? 3  A A OP1    1 
ATOM 66  O OP2    . A A 1 3  ? -6.998  -5.626  -5.214  1.00 0.00 ? 3  A A OP2    1 
ATOM 67  O "O5'"  . A A 1 3  ? -7.058  -6.813  -3.014  1.00 0.00 ? 3  A A "O5'"  1 
ATOM 68  C "C5'"  . A A 1 3  ? -7.564  -7.707  -2.039  1.00 0.00 ? 3  A A "C5'"  1 
ATOM 69  C "C4'"  . A A 1 3  ? -6.819  -7.523  -0.709  1.00 0.00 ? 3  A A "C4'"  1 
ATOM 70  O "O4'"  . A A 1 3  ? -5.416  -7.709  -0.847  1.00 0.00 ? 3  A A "O4'"  1 
ATOM 71  C "C3'"  . A A 1 3  ? -6.989  -6.131  -0.094  1.00 0.00 ? 3  A A "C3'"  1 
ATOM 72  O "O3'"  . A A 1 3  ? -8.263  -5.964  0.514   1.00 0.00 ? 3  A A "O3'"  1 
ATOM 73  C "C2'"  . A A 1 3  ? -5.818  -6.136  0.892   1.00 0.00 ? 3  A A "C2'"  1 
ATOM 74  O "O2'"  . A A 1 3  ? -6.094  -6.900  2.054   1.00 0.00 ? 3  A A "O2'"  1 
ATOM 75  C "C1'"  . A A 1 3  ? -4.741  -6.844  0.058   1.00 0.00 ? 3  A A "C1'"  1 
ATOM 76  N N9     . A A 1 3  ? -3.908  -5.844  -0.655  1.00 0.00 ? 3  A A N9     1 
ATOM 77  C C8     . A A 1 3  ? -3.889  -5.480  -1.981  1.00 0.00 ? 3  A A C8     1 
ATOM 78  N N7     . A A 1 3  ? -2.973  -4.598  -2.281  1.00 0.00 ? 3  A A N7     1 
ATOM 79  C C5     . A A 1 3  ? -2.339  -4.351  -1.067  1.00 0.00 ? 3  A A C5     1 
ATOM 80  C C6     . A A 1 3  ? -1.232  -3.553  -0.675  1.00 0.00 ? 3  A A C6     1 
ATOM 81  N N6     . A A 1 3  ? -0.507  -2.817  -1.524  1.00 0.00 ? 3  A A N6     1 
ATOM 82  N N1     . A A 1 3  ? -0.861  -3.542  0.627   1.00 0.00 ? 3  A A N1     1 
ATOM 83  C C2     . A A 1 3  ? -1.534  -4.294  1.502   1.00 0.00 ? 3  A A C2     1 
ATOM 84  N N3     . A A 1 3  ? -2.567  -5.102  1.257   1.00 0.00 ? 3  A A N3     1 
ATOM 85  C C4     . A A 1 3  ? -2.924  -5.090  -0.063  1.00 0.00 ? 3  A A C4     1 
ATOM 86  H "H5'"  . A A 1 3  ? -7.444  -8.739  -2.370  1.00 0.00 ? 3  A A "H5'"  1 
ATOM 87  H "H5''" . A A 1 3  ? -8.626  -7.516  -1.874  1.00 0.00 ? 3  A A "H5''" 1 
ATOM 88  H "H4'"  . A A 1 3  ? -7.189  -8.273  -0.008  1.00 0.00 ? 3  A A "H4'"  1 
ATOM 89  H "H3'"  . A A 1 3  ? -6.813  -5.378  -0.865  1.00 0.00 ? 3  A A "H3'"  1 
ATOM 90  H "H2'"  . A A 1 3  ? -5.528  -5.128  1.190   1.00 0.00 ? 3  A A "H2'"  1 
ATOM 91  H "HO2'" . A A 1 3  ? -6.316  -7.796  1.793   1.00 0.00 ? 3  A A "HO2'" 1 
ATOM 92  H "H1'"  . A A 1 3  ? -4.070  -7.430  0.691   1.00 0.00 ? 3  A A "H1'"  1 
ATOM 93  H H8     . A A 1 3  ? -4.556  -5.894  -2.722  1.00 0.00 ? 3  A A H8     1 
ATOM 94  H H61    . A A 1 3  ? 0.297   -2.309  -1.180  1.00 0.00 ? 3  A A H61    1 
ATOM 95  H H62    . A A 1 3  ? -0.738  -2.805  -2.505  1.00 0.00 ? 3  A A H62    1 
ATOM 96  H H2     . A A 1 3  ? -1.197  -4.248  2.527   1.00 0.00 ? 3  A A H2     1 
ATOM 97  P P      . A A 1 4  ? -8.866  -4.504  0.865   1.00 0.00 ? 4  A A P      1 
ATOM 98  O OP1    . A A 1 4  ? -10.187 -4.700  1.502   1.00 0.00 ? 4  A A OP1    1 
ATOM 99  O OP2    . A A 1 4  ? -8.759  -3.663  -0.347  1.00 0.00 ? 4  A A OP2    1 
ATOM 100 O "O5'"  . A A 1 4  ? -7.853  -3.907  1.972   1.00 0.00 ? 4  A A "O5'"  1 
ATOM 101 C "C5'"  . A A 1 4  ? -7.852  -4.352  3.317   1.00 0.00 ? 4  A A "C5'"  1 
ATOM 102 C "C4'"  . A A 1 4  ? -6.686  -3.715  4.085   1.00 0.00 ? 4  A A "C4'"  1 
ATOM 103 O "O4'"  . A A 1 4  ? -5.430  -3.986  3.479   1.00 0.00 ? 4  A A "O4'"  1 
ATOM 104 C "C3'"  . A A 1 4  ? -6.765  -2.191  4.189   1.00 0.00 ? 4  A A "C3'"  1 
ATOM 105 O "O3'"  . A A 1 4  ? -7.739  -1.767  5.132   1.00 0.00 ? 4  A A "O3'"  1 
ATOM 106 C "C2'"  . A A 1 4  ? -5.314  -1.876  4.568   1.00 0.00 ? 4  A A "C2'"  1 
ATOM 107 O "O2'"  . A A 1 4  ? -5.051  -2.127  5.939   1.00 0.00 ? 4  A A "O2'"  1 
ATOM 108 C "C1'"  . A A 1 4  ? -4.553  -2.889  3.701   1.00 0.00 ? 4  A A "C1'"  1 
ATOM 109 N N9     . A A 1 4  ? -4.138  -2.260  2.419   1.00 0.00 ? 4  A A N9     1 
ATOM 110 C C8     . A A 1 4  ? -4.770  -2.253  1.196   1.00 0.00 ? 4  A A C8     1 
ATOM 111 N N7     . A A 1 4  ? -4.132  -1.605  0.262   1.00 0.00 ? 4  A A N7     1 
ATOM 112 C C5     . A A 1 4  ? -2.994  -1.132  0.906   1.00 0.00 ? 4  A A C5     1 
ATOM 113 C C6     . A A 1 4  ? -1.868  -0.379  0.480   1.00 0.00 ? 4  A A C6     1 
ATOM 114 N N6     . A A 1 4  ? -1.714  0.059   -0.773  1.00 0.00 ? 4  A A N6     1 
ATOM 115 N N1     . A A 1 4  ? -0.889  -0.098  1.373   1.00 0.00 ? 4  A A N1     1 
ATOM 116 C C2     . A A 1 4  ? -1.025  -0.519  2.634   1.00 0.00 ? 4  A A C2     1 
ATOM 117 N N3     . A A 1 4  ? -2.031  -1.225  3.158   1.00 0.00 ? 4  A A N3     1 
ATOM 118 C C4     . A A 1 4  ? -2.997  -1.512  2.230   1.00 0.00 ? 4  A A C4     1 
ATOM 119 H "H5'"  . A A 1 4  ? -7.753  -5.437  3.361   1.00 0.00 ? 4  A A "H5'"  1 
ATOM 120 H "H5''" . A A 1 4  ? -8.790  -4.072  3.800   1.00 0.00 ? 4  A A "H5''" 1 
ATOM 121 H "H4'"  . A A 1 4  ? -6.671  -4.140  5.092   1.00 0.00 ? 4  A A "H4'"  1 
ATOM 122 H "H3'"  . A A 1 4  ? -6.981  -1.774  3.202   1.00 0.00 ? 4  A A "H3'"  1 
ATOM 123 H "H2'"  . A A 1 4  ? -5.050  -0.842  4.339   1.00 0.00 ? 4  A A "H2'"  1 
ATOM 124 H "HO2'" . A A 1 4  ? -5.269  -3.041  6.136   1.00 0.00 ? 4  A A "HO2'" 1 
ATOM 125 H "H1'"  . A A 1 4  ? -3.662  -3.259  4.210   1.00 0.00 ? 4  A A "H1'"  1 
ATOM 126 H H8     . A A 1 4  ? -5.713  -2.743  1.012   1.00 0.00 ? 4  A A H8     1 
ATOM 127 H H61    . A A 1 4  ? -0.867  0.546   -1.033  1.00 0.00 ? 4  A A H61    1 
ATOM 128 H H62    . A A 1 4  ? -2.422  -0.138  -1.465  1.00 0.00 ? 4  A A H62    1 
ATOM 129 H H2     . A A 1 4  ? -0.226  -0.253  3.309   1.00 0.00 ? 4  A A H2     1 
ATOM 130 P P      . A A 1 5  ? -8.055  -0.202  5.386   1.00 0.00 ? 5  A A P      1 
ATOM 131 O OP1    . A A 1 5  ? -9.184  -0.107  6.337   1.00 0.00 ? 5  A A OP1    1 
ATOM 132 O OP2    . A A 1 5  ? -8.146  0.469   4.069   1.00 0.00 ? 5  A A OP2    1 
ATOM 133 O "O5'"  . A A 1 5  ? -6.722  0.304   6.134   1.00 0.00 ? 5  A A "O5'"  1 
ATOM 134 C "C5'"  . A A 1 5  ? -6.331  1.663   6.144   1.00 0.00 ? 5  A A "C5'"  1 
ATOM 135 C "C4'"  . A A 1 5  ? -4.947  1.780   6.796   1.00 0.00 ? 5  A A "C4'"  1 
ATOM 136 O "O4'"  . A A 1 5  ? -3.957  1.036   6.088   1.00 0.00 ? 5  A A "O4'"  1 
ATOM 137 C "C3'"  . A A 1 5  ? -4.462  3.233   6.830   1.00 0.00 ? 5  A A "C3'"  1 
ATOM 138 O "O3'"  . A A 1 5  ? -4.891  3.915   8.000   1.00 0.00 ? 5  A A "O3'"  1 
ATOM 139 C "C2'"  . A A 1 5  ? -2.953  3.036   6.802   1.00 0.00 ? 5  A A "C2'"  1 
ATOM 140 O "O2'"  . A A 1 5  ? -2.465  2.652   8.077   1.00 0.00 ? 5  A A "O2'"  1 
ATOM 141 C "C1'"  . A A 1 5  ? -2.833  1.867   5.830   1.00 0.00 ? 5  A A "C1'"  1 
ATOM 142 N N9     . A A 1 5  ? -2.761  2.221   4.387   1.00 0.00 ? 5  A A N9     1 
ATOM 143 C C8     . A A 1 5  ? -3.630  1.905   3.365   1.00 0.00 ? 5  A A C8     1 
ATOM 144 N N7     . A A 1 5  ? -3.178  2.164   2.169   1.00 0.00 ? 5  A A N7     1 
ATOM 145 C C5     . A A 1 5  ? -1.913  2.693   2.404   1.00 0.00 ? 5  A A C5     1 
ATOM 146 C C6     . A A 1 5  ? -0.885  3.186   1.559   1.00 0.00 ? 5  A A C6     1 
ATOM 147 N N6     . A A 1 5  ? -0.971  3.203   0.227   1.00 0.00 ? 5  A A N6     1 
ATOM 148 N N1     . A A 1 5  ? 0.246   3.679   2.116   1.00 0.00 ? 5  A A N1     1 
ATOM 149 C C2     . A A 1 5  ? 0.372   3.660   3.446   1.00 0.00 ? 5  A A C2     1 
ATOM 150 N N3     . A A 1 5  ? -0.508  3.203   4.345   1.00 0.00 ? 5  A A N3     1 
ATOM 151 C C4     . A A 1 5  ? -1.650  2.733   3.755   1.00 0.00 ? 5  A A C4     1 
ATOM 152 H "H5'"  . A A 1 5  ? -7.052  2.250   6.715   1.00 0.00 ? 5  A A "H5'"  1 
ATOM 153 H "H5''" . A A 1 5  ? -6.282  2.055   5.126   1.00 0.00 ? 5  A A "H5''" 1 
ATOM 154 H "H4'"  . A A 1 5  ? -4.988  1.384   7.813   1.00 0.00 ? 5  A A "H4'"  1 
ATOM 155 H "H3'"  . A A 1 5  ? -4.769  3.732   5.907   1.00 0.00 ? 5  A A "H3'"  1 
ATOM 156 H "H2'"  . A A 1 5  ? -2.404  3.910   6.477   1.00 0.00 ? 5  A A "H2'"  1 
ATOM 157 H "HO2'" . A A 1 5  ? -2.761  3.301   8.720   1.00 0.00 ? 5  A A "HO2'" 1 
ATOM 158 H "H1'"  . A A 1 5  ? -1.894  1.378   6.038   1.00 0.00 ? 5  A A "H1'"  1 
ATOM 159 H H8     . A A 1 5  ? -4.598  1.455   3.526   1.00 0.00 ? 5  A A H8     1 
ATOM 160 H H61    . A A 1 5  ? -0.189  3.570   -0.301  1.00 0.00 ? 5  A A H61    1 
ATOM 161 H H62    . A A 1 5  ? -1.796  2.850   -0.237  1.00 0.00 ? 5  A A H62    1 
ATOM 162 H H2     . A A 1 5  ? 1.294   4.058   3.842   1.00 0.00 ? 5  A A H2     1 
ATOM 163 P P      . C A 1 6  ? -5.379  5.449   7.960   1.00 0.00 ? 6  C A P      1 
ATOM 164 O OP1    . C A 1 6  ? -5.675  5.871   9.346   1.00 0.00 ? 6  C A OP1    1 
ATOM 165 O OP2    . C A 1 6  ? -6.432  5.548   6.926   1.00 0.00 ? 6  C A OP2    1 
ATOM 166 O "O5'"  . C A 1 6  ? -4.046  6.228   7.455   1.00 0.00 ? 6  C A "O5'"  1 
ATOM 167 C "C5'"  . C A 1 6  ? -2.931  6.405   8.317   1.00 0.00 ? 6  C A "C5'"  1 
ATOM 168 C "C4'"  . C A 1 6  ? -1.668  6.907   7.609   1.00 0.00 ? 6  C A "C4'"  1 
ATOM 169 O "O4'"  . C A 1 6  ? -1.346  6.095   6.501   1.00 0.00 ? 6  C A "O4'"  1 
ATOM 170 C "C3'"  . C A 1 6  ? -1.836  8.336   7.115   1.00 0.00 ? 6  C A "C3'"  1 
ATOM 171 O "O3'"  . C A 1 6  ? -1.428  9.236   8.142   1.00 0.00 ? 6  C A "O3'"  1 
ATOM 172 C "C2'"  . C A 1 6  ? -0.948  8.358   5.865   1.00 0.00 ? 6  C A "C2'"  1 
ATOM 173 O "O2'"  . C A 1 6  ? 0.324   8.919   6.138   1.00 0.00 ? 6  C A "O2'"  1 
ATOM 174 C "C1'"  . C A 1 6  ? -0.802  6.878   5.455   1.00 0.00 ? 6  C A "C1'"  1 
ATOM 175 N N1     . C A 1 6  ? -1.454  6.579   4.139   1.00 0.00 ? 6  C A N1     1 
ATOM 176 C C2     . C A 1 6  ? -0.888  7.152   2.986   1.00 0.00 ? 6  C A C2     1 
ATOM 177 O O2     . C A 1 6  ? 0.083   7.901   3.061   1.00 0.00 ? 6  C A O2     1 
ATOM 178 N N3     . C A 1 6  ? -1.429  6.857   1.765   1.00 0.00 ? 6  C A N3     1 
ATOM 179 C C4     . C A 1 6  ? -2.512  6.069   1.660   1.00 0.00 ? 6  C A C4     1 
ATOM 180 N N4     . C A 1 6  ? -2.938  5.738   0.440   1.00 0.00 ? 6  C A N4     1 
ATOM 181 C C5     . C A 1 6  ? -3.122  5.478   2.822   1.00 0.00 ? 6  C A C5     1 
ATOM 182 C C6     . C A 1 6  ? -2.550  5.740   4.025   1.00 0.00 ? 6  C A C6     1 
ATOM 183 H "H5'"  . C A 1 6  ? -2.676  5.450   8.780   1.00 0.00 ? 6  C A "H5'"  1 
ATOM 184 H "H5''" . C A 1 6  ? -3.192  7.105   9.113   1.00 0.00 ? 6  C A "H5''" 1 
ATOM 185 H "H4'"  . C A 1 6  ? -0.820  6.858   8.297   1.00 0.00 ? 6  C A "H4'"  1 
ATOM 186 H "H3'"  . C A 1 6  ? -2.873  8.481   6.815   1.00 0.00 ? 6  C A "H3'"  1 
ATOM 187 H "H2'"  . C A 1 6  ? -1.434  8.938   5.084   1.00 0.00 ? 6  C A "H2'"  1 
ATOM 188 H "HO2'" . C A 1 6  ? 0.190   9.781   6.539   1.00 0.00 ? 6  C A "HO2'" 1 
ATOM 189 H "H1'"  . C A 1 6  ? 0.254   6.605   5.383   1.00 0.00 ? 6  C A "H1'"  1 
ATOM 190 H H41    . C A 1 6  ? -2.433  6.086   -0.364  1.00 0.00 ? 6  C A H41    1 
ATOM 191 H H42    . C A 1 6  ? -3.723  5.113   0.328   1.00 0.00 ? 6  C A H42    1 
ATOM 192 H H5     . C A 1 6  ? -3.967  4.808   2.770   1.00 0.00 ? 6  C A H5     1 
ATOM 193 H H6     . C A 1 6  ? -2.925  5.203   4.887   1.00 0.00 ? 6  C A H6     1 
ATOM 194 P P      . A A 1 7  ? -2.170  10.640  8.412   1.00 0.00 ? 7  A A P      1 
ATOM 195 O OP1    . A A 1 7  ? -1.361  11.419  9.374   1.00 0.00 ? 7  A A OP1    1 
ATOM 196 O OP2    . A A 1 7  ? -3.591  10.351  8.707   1.00 0.00 ? 7  A A OP2    1 
ATOM 197 O "O5'"  . A A 1 7  ? -2.058  11.340  6.967   1.00 0.00 ? 7  A A "O5'"  1 
ATOM 198 C "C5'"  . A A 1 7  ? -3.073  12.177  6.445   1.00 0.00 ? 7  A A "C5'"  1 
ATOM 199 C "C4'"  . A A 1 7  ? -2.896  12.236  4.923   1.00 0.00 ? 7  A A "C4'"  1 
ATOM 200 O "O4'"  . A A 1 7  ? -2.928  10.912  4.405   1.00 0.00 ? 7  A A "O4'"  1 
ATOM 201 C "C3'"  . A A 1 7  ? -4.039  13.012  4.256   1.00 0.00 ? 7  A A "C3'"  1 
ATOM 202 O "O3'"  . A A 1 7  ? -3.574  13.572  3.039   1.00 0.00 ? 7  A A "O3'"  1 
ATOM 203 C "C2'"  . A A 1 7  ? -5.045  11.893  3.994   1.00 0.00 ? 7  A A "C2'"  1 
ATOM 204 O "O2'"  . A A 1 7  ? -5.945  12.175  2.939   1.00 0.00 ? 7  A A "O2'"  1 
ATOM 205 C "C1'"  . A A 1 7  ? -4.139  10.690  3.711   1.00 0.00 ? 7  A A "C1'"  1 
ATOM 206 N N9     . A A 1 7  ? -4.778  9.421   4.107   1.00 0.00 ? 7  A A N9     1 
ATOM 207 C C8     . A A 1 7  ? -5.094  9.011   5.370   1.00 0.00 ? 7  A A C8     1 
ATOM 208 N N7     . A A 1 7  ? -5.680  7.851   5.427   1.00 0.00 ? 7  A A N7     1 
ATOM 209 C C5     . A A 1 7  ? -5.777  7.461   4.096   1.00 0.00 ? 7  A A C5     1 
ATOM 210 C C6     . A A 1 7  ? -6.317  6.318   3.445   1.00 0.00 ? 7  A A C6     1 
ATOM 211 N N6     . A A 1 7  ? -6.834  5.276   4.105   1.00 0.00 ? 7  A A N6     1 
ATOM 212 N N1     . A A 1 7  ? -6.306  6.269   2.092   1.00 0.00 ? 7  A A N1     1 
ATOM 213 C C2     . A A 1 7  ? -5.777  7.291   1.413   1.00 0.00 ? 7  A A C2     1 
ATOM 214 N N3     . A A 1 7  ? -5.221  8.405   1.904   1.00 0.00 ? 7  A A N3     1 
ATOM 215 C C4     . A A 1 7  ? -5.250  8.431   3.273   1.00 0.00 ? 7  A A C4     1 
ATOM 216 H "H5'"  . A A 1 7  ? -2.981  13.176  6.876   1.00 0.00 ? 7  A A "H5'"  1 
ATOM 217 H "H5''" . A A 1 7  ? -4.067  11.788  6.670   1.00 0.00 ? 7  A A "H5''" 1 
ATOM 218 H "H4'"  . A A 1 7  ? -1.929  12.694  4.706   1.00 0.00 ? 7  A A "H4'"  1 
ATOM 219 H "H3'"  . A A 1 7  ? -4.476  13.763  4.921   1.00 0.00 ? 7  A A "H3'"  1 
ATOM 220 H "H2'"  . A A 1 7  ? -5.625  11.731  4.905   1.00 0.00 ? 7  A A "H2'"  1 
ATOM 221 H "HO2'" . A A 1 7  ? -6.373  13.016  3.118   1.00 0.00 ? 7  A A "HO2'" 1 
ATOM 222 H "H1'"  . A A 1 7  ? -3.860  10.611  2.672   1.00 0.00 ? 7  A A "H1'"  1 
ATOM 223 H H8     . A A 1 7  ? -4.873  9.619   6.230   1.00 0.00 ? 7  A A H8     1 
ATOM 224 H H61    . A A 1 7  ? -7.203  4.492   3.590   1.00 0.00 ? 7  A A H61    1 
ATOM 225 H H62    . A A 1 7  ? -6.838  5.281   5.119   1.00 0.00 ? 7  A A H62    1 
ATOM 226 H H2     . A A 1 7  ? -5.800  7.204   0.337   1.00 0.00 ? 7  A A H2     1 
ATOM 227 P P      . U A 1 8  ? -3.351  15.159  2.884   1.00 0.00 ? 8  U A P      1 
ATOM 228 O OP1    . U A 1 8  ? -2.311  15.575  3.850   1.00 0.00 ? 8  U A OP1    1 
ATOM 229 O OP2    . U A 1 8  ? -4.681  15.806  2.914   1.00 0.00 ? 8  U A OP2    1 
ATOM 230 O "O5'"  . U A 1 8  ? -2.759  15.298  1.393   1.00 0.00 ? 8  U A "O5'"  1 
ATOM 231 C "C5'"  . U A 1 8  ? -1.460  14.854  1.044   1.00 0.00 ? 8  U A "C5'"  1 
ATOM 232 C "C4'"  . U A 1 8  ? -1.154  15.113  -0.447  1.00 0.00 ? 8  U A "C4'"  1 
ATOM 233 O "O4'"  . U A 1 8  ? -1.343  13.916  -1.175  1.00 0.00 ? 8  U A "O4'"  1 
ATOM 234 C "C3'"  . U A 1 8  ? -2.021  16.166  -1.163  1.00 0.00 ? 8  U A "C3'"  1 
ATOM 235 O "O3'"  . U A 1 8  ? -1.413  16.698  -2.343  1.00 0.00 ? 8  U A "O3'"  1 
ATOM 236 C "C2'"  . U A 1 8  ? -3.207  15.300  -1.603  1.00 0.00 ? 8  U A "C2'"  1 
ATOM 237 O "O2'"  . U A 1 8  ? -3.976  15.863  -2.651  1.00 0.00 ? 8  U A "O2'"  1 
ATOM 238 C "C1'"  . U A 1 8  ? -2.469  14.026  -2.030  1.00 0.00 ? 8  U A "C1'"  1 
ATOM 239 N N1     . U A 1 8  ? -3.327  12.838  -1.823  1.00 0.00 ? 8  U A N1     1 
ATOM 240 C C2     . U A 1 8  ? -3.788  12.088  -2.915  1.00 0.00 ? 8  U A C2     1 
ATOM 241 O O2     . U A 1 8  ? -3.427  12.287  -4.072  1.00 0.00 ? 8  U A O2     1 
ATOM 242 N N3     . U A 1 8  ? -4.704  11.076  -2.621  1.00 0.00 ? 8  U A N3     1 
ATOM 243 C C4     . U A 1 8  ? -5.183  10.760  -1.349  1.00 0.00 ? 8  U A C4     1 
ATOM 244 O O4     . U A 1 8  ? -6.006  9.861   -1.200  1.00 0.00 ? 8  U A O4     1 
ATOM 245 C C5     . U A 1 8  ? -4.609  11.568  -0.286  1.00 0.00 ? 8  U A C5     1 
ATOM 246 C C6     . U A 1 8  ? -3.722  12.543  -0.541  1.00 0.00 ? 8  U A C6     1 
ATOM 247 H "H5'"  . U A 1 8  ? -1.353  13.789  1.266   1.00 0.00 ? 8  U A "H5'"  1 
ATOM 248 H "H5''" . U A 1 8  ? -0.726  15.364  1.663   1.00 0.00 ? 8  U A "H5''" 1 
ATOM 249 H "H4'"  . U A 1 8  ? -0.106  15.392  -0.470  1.00 0.00 ? 8  U A "H4'"  1 
ATOM 250 H "H3'"  . U A 1 8  ? -2.343  16.954  -0.486  1.00 0.00 ? 8  U A "H3'"  1 
ATOM 251 H "H2'"  . U A 1 8  ? -3.878  15.093  -0.763  1.00 0.00 ? 8  U A "H2'"  1 
ATOM 252 H "HO2'" . U A 1 8  ? -4.317  16.711  -2.357  1.00 0.00 ? 8  U A "HO2'" 1 
ATOM 253 H "H1'"  . U A 1 8  ? -2.106  14.127  -3.055  1.00 0.00 ? 8  U A "H1'"  1 
ATOM 254 H H3     . U A 1 8  ? -5.052  10.530  -3.395  1.00 0.00 ? 8  U A H3     1 
ATOM 255 H H5     . U A 1 8  ? -4.807  11.429  0.749   1.00 0.00 ? 8  U A H5     1 
ATOM 256 H H6     . U A 1 8  ? -3.349  13.111  0.299   1.00 0.00 ? 8  U A H6     1 
ATOM 257 P P      . A A 1 9  ? -0.039  17.553  -2.363  1.00 0.00 ? 9  A A P      1 
ATOM 258 O OP1    . A A 1 9  ? 0.041   18.332  -1.108  1.00 0.00 ? 9  A A OP1    1 
ATOM 259 O OP2    . A A 1 9  ? 0.041   18.252  -3.665  1.00 0.00 ? 9  A A OP2    1 
ATOM 260 O "O5'"  . A A 1 9  ? 1.115   16.420  -2.331  1.00 0.00 ? 9  A A "O5'"  1 
ATOM 261 C "C5'"  . A A 1 9  ? 1.240   15.403  -3.319  1.00 0.00 ? 9  A A "C5'"  1 
ATOM 262 C "C4'"  . A A 1 9  ? 1.441   14.048  -2.609  1.00 0.00 ? 9  A A "C4'"  1 
ATOM 263 O "O4'"  . A A 1 9  ? 0.446   13.098  -2.910  1.00 0.00 ? 9  A A "O4'"  1 
ATOM 264 C "C3'"  . A A 1 9  ? 2.730   13.285  -2.959  1.00 0.00 ? 9  A A "C3'"  1 
ATOM 265 O "O3'"  . A A 1 9  ? 3.821   13.788  -2.197  1.00 0.00 ? 9  A A "O3'"  1 
ATOM 266 C "C2'"  . A A 1 9  ? 2.340   11.808  -2.676  1.00 0.00 ? 9  A A "C2'"  1 
ATOM 267 O "O2'"  . A A 1 9  ? 3.087   11.165  -1.659  1.00 0.00 ? 9  A A "O2'"  1 
ATOM 268 C "C1'"  . A A 1 9  ? 0.892   11.951  -2.222  1.00 0.00 ? 9  A A "C1'"  1 
ATOM 269 N N9     . A A 1 9  ? -0.013  10.798  -2.395  1.00 0.00 ? 9  A A N9     1 
ATOM 270 C C8     . A A 1 9  ? -0.393  10.121  -3.529  1.00 0.00 ? 9  A A C8     1 
ATOM 271 N N7     . A A 1 9  ? -1.376  9.280   -3.340  1.00 0.00 ? 9  A A N7     1 
ATOM 272 C C5     . A A 1 9  ? -1.668  9.405   -1.984  1.00 0.00 ? 9  A A C5     1 
ATOM 273 C C6     . A A 1 9  ? -2.629  8.822   -1.117  1.00 0.00 ? 9  A A C6     1 
ATOM 274 N N6     . A A 1 9  ? -3.545  7.946   -1.540  1.00 0.00 ? 9  A A N6     1 
ATOM 275 N N1     . A A 1 9  ? -2.659  9.197   0.187   1.00 0.00 ? 9  A A N1     1 
ATOM 276 C C2     . A A 1 9  ? -1.775  10.105  0.619   1.00 0.00 ? 9  A A C2     1 
ATOM 277 N N3     . A A 1 9  ? -0.833  10.719  -0.093  1.00 0.00 ? 9  A A N3     1 
ATOM 278 C C4     . A A 1 9  ? -0.826  10.319  -1.400  1.00 0.00 ? 9  A A C4     1 
ATOM 279 H "H5'"  . A A 1 9  ? 2.103   15.639  -3.944  1.00 0.00 ? 9  A A "H5'"  1 
ATOM 280 H "H5''" . A A 1 9  ? 0.360   15.347  -3.964  1.00 0.00 ? 9  A A "H5''" 1 
ATOM 281 H "H4'"  . A A 1 9  ? 1.350   14.196  -1.524  1.00 0.00 ? 9  A A "H4'"  1 
ATOM 282 H "H3'"  . A A 1 9  ? 2.912   13.404  -4.030  1.00 0.00 ? 9  A A "H3'"  1 
ATOM 283 H "H2'"  . A A 1 9  ? 2.377   11.228  -3.596  1.00 0.00 ? 9  A A "H2'"  1 
ATOM 284 H "HO2'" . A A 1 9  ? 3.975   11.004  -1.989  1.00 0.00 ? 9  A A "HO2'" 1 
ATOM 285 H "H1'"  . A A 1 9  ? 0.912   12.173  -1.151  1.00 0.00 ? 9  A A "H1'"  1 
ATOM 286 H H8     . A A 1 9  ? 0.061   10.285  -4.495  1.00 0.00 ? 9  A A H8     1 
ATOM 287 H H61    . A A 1 9  ? -4.225  7.590   -0.885  1.00 0.00 ? 9  A A H61    1 
ATOM 288 H H62    . A A 1 9  ? -3.557  7.654   -2.506  1.00 0.00 ? 9  A A H62    1 
ATOM 289 H H2     . A A 1 9  ? -1.828  10.430  1.648   1.00 0.00 ? 9  A A H2     1 
ATOM 290 P P      . G A 1 10 ? 5.361   13.574  -2.647  1.00 0.00 ? 10 G A P      1 
ATOM 291 O OP1    . G A 1 10 ? 6.228   13.983  -1.520  1.00 0.00 ? 10 G A OP1    1 
ATOM 292 O OP2    . G A 1 10 ? 5.543   14.194  -3.979  1.00 0.00 ? 10 G A OP2    1 
ATOM 293 O "O5'"  . G A 1 10 ? 5.440   11.972  -2.793  1.00 0.00 ? 10 G A "O5'"  1 
ATOM 294 C "C5'"  . G A 1 10 ? 5.645   11.318  -4.034  1.00 0.00 ? 10 G A "C5'"  1 
ATOM 295 C "C4'"  . G A 1 10 ? 5.860   9.826   -3.751  1.00 0.00 ? 10 G A "C4'"  1 
ATOM 296 O "O4'"  . G A 1 10 ? 4.644   9.299   -3.248  1.00 0.00 ? 10 G A "O4'"  1 
ATOM 297 C "C3'"  . G A 1 10 ? 6.233   9.011   -5.005  1.00 0.00 ? 10 G A "C3'"  1 
ATOM 298 O "O3'"  . G A 1 10 ? 7.506   8.406   -4.769  1.00 0.00 ? 10 G A "O3'"  1 
ATOM 299 C "C2'"  . G A 1 10 ? 5.057   8.022   -5.120  1.00 0.00 ? 10 G A "C2'"  1 
ATOM 300 O "O2'"  . G A 1 10 ? 5.394   6.765   -5.648  1.00 0.00 ? 10 G A "O2'"  1 
ATOM 301 C "C1'"  . G A 1 10 ? 4.509   7.969   -3.690  1.00 0.00 ? 10 G A "C1'"  1 
ATOM 302 N N9     . G A 1 10 ? 3.091   7.540   -3.553  1.00 0.00 ? 10 G A N9     1 
ATOM 303 C C8     . G A 1 10 ? 2.210   7.075   -4.501  1.00 0.00 ? 10 G A C8     1 
ATOM 304 N N7     . G A 1 10 ? 1.038   6.745   -4.031  1.00 0.00 ? 10 G A N7     1 
ATOM 305 C C5     . G A 1 10 ? 1.131   7.017   -2.670  1.00 0.00 ? 10 G A C5     1 
ATOM 306 C C6     . G A 1 10 ? 0.185   6.815   -1.607  1.00 0.00 ? 10 G A C6     1 
ATOM 307 O O6     . G A 1 10 ? -0.929  6.302   -1.671  1.00 0.00 ? 10 G A O6     1 
ATOM 308 N N1     . G A 1 10 ? 0.650   7.261   -0.365  1.00 0.00 ? 10 G A N1     1 
ATOM 309 C C2     . G A 1 10 ? 1.923   7.777   -0.160  1.00 0.00 ? 10 G A C2     1 
ATOM 310 N N2     . G A 1 10 ? 2.245   8.133   1.085   1.00 0.00 ? 10 G A N2     1 
ATOM 311 N N3     . G A 1 10 ? 2.832   7.908   -1.144  1.00 0.00 ? 10 G A N3     1 
ATOM 312 C C4     . G A 1 10 ? 2.380   7.522   -2.374  1.00 0.00 ? 10 G A C4     1 
ATOM 313 H "H5'"  . G A 1 10 ? 6.545   11.710  -4.511  1.00 0.00 ? 10 G A "H5'"  1 
ATOM 314 H "H5''" . G A 1 10 ? 4.791   11.466  -4.697  1.00 0.00 ? 10 G A "H5''" 1 
ATOM 315 H "H4'"  . G A 1 10 ? 6.625   9.713   -2.977  1.00 0.00 ? 10 G A "H4'"  1 
ATOM 316 H "H3'"  . G A 1 10 ? 6.264   9.663   -5.882  1.00 0.00 ? 10 G A "H3'"  1 
ATOM 317 H "H2'"  . G A 1 10 ? 4.297   8.421   -5.785  1.00 0.00 ? 10 G A "H2'"  1 
ATOM 318 H "HO2'" . G A 1 10 ? 5.942   6.890   -6.427  1.00 0.00 ? 10 G A "HO2'" 1 
ATOM 319 H "H1'"  . G A 1 10 ? 5.139   7.341   -3.061  1.00 0.00 ? 10 G A "H1'"  1 
ATOM 320 H H8     . G A 1 10 ? 2.460   6.967   -5.545  1.00 0.00 ? 10 G A H8     1 
ATOM 321 H H1     . G A 1 10 ? 0.021   7.169   0.422   1.00 0.00 ? 10 G A H1     1 
ATOM 322 H H21    . G A 1 10 ? 1.572   8.039   1.831   1.00 0.00 ? 10 G A H21    1 
ATOM 323 H H22    . G A 1 10 ? 3.163   8.508   1.268   1.00 0.00 ? 10 G A H22    1 
ATOM 324 P P      . A A 1 11 ? 8.463   7.833   -5.950  1.00 0.00 ? 11 A A P      1 
ATOM 325 O OP1    . A A 1 11 ? 9.860   7.888   -5.468  1.00 0.00 ? 11 A A OP1    1 
ATOM 326 O OP2    . A A 1 11 ? 8.100   8.514   -7.213  1.00 0.00 ? 11 A A OP2    1 
ATOM 327 O "O5'"  . A A 1 11 ? 8.037   6.279   -6.091  1.00 0.00 ? 11 A A "O5'"  1 
ATOM 328 C "C5'"  . A A 1 11 ? 8.567   5.241   -5.279  1.00 0.00 ? 11 A A "C5'"  1 
ATOM 329 C "C4'"  . A A 1 11 ? 8.351   5.432   -3.762  1.00 0.00 ? 11 A A "C4'"  1 
ATOM 330 O "O4'"  . A A 1 11 ? 6.987   5.738   -3.495  1.00 0.00 ? 11 A A "O4'"  1 
ATOM 331 C "C3'"  . A A 1 11 ? 8.673   4.137   -2.993  1.00 0.00 ? 11 A A "C3'"  1 
ATOM 332 O "O3'"  . A A 1 11 ? 9.175   4.486   -1.702  1.00 0.00 ? 11 A A "O3'"  1 
ATOM 333 C "C2'"  . A A 1 11 ? 7.279   3.497   -2.969  1.00 0.00 ? 11 A A "C2'"  1 
ATOM 334 O "O2'"  . A A 1 11 ? 7.107   2.463   -2.026  1.00 0.00 ? 11 A A "O2'"  1 
ATOM 335 C "C1'"  . A A 1 11 ? 6.413   4.725   -2.693  1.00 0.00 ? 11 A A "C1'"  1 
ATOM 336 N N9     . A A 1 11 ? 4.986   4.502   -3.039  1.00 0.00 ? 11 A A N9     1 
ATOM 337 C C8     . A A 1 11 ? 4.417   4.327   -4.278  1.00 0.00 ? 11 A A C8     1 
ATOM 338 N N7     . A A 1 11 ? 3.146   4.037   -4.255  1.00 0.00 ? 11 A A N7     1 
ATOM 339 C C5     . A A 1 11 ? 2.830   4.066   -2.902  1.00 0.00 ? 11 A A C5     1 
ATOM 340 C C6     . A A 1 11 ? 1.622   3.890   -2.180  1.00 0.00 ? 11 A A C6     1 
ATOM 341 N N6     . A A 1 11 ? 0.461   3.581   -2.768  1.00 0.00 ? 11 A A N6     1 
ATOM 342 N N1     . A A 1 11 ? 1.625   4.075   -0.839  1.00 0.00 ? 11 A A N1     1 
ATOM 343 C C2     . A A 1 11 ? 2.769   4.410   -0.236  1.00 0.00 ? 11 A A C2     1 
ATOM 344 N N3     . A A 1 11 ? 3.970   4.587   -0.797  1.00 0.00 ? 11 A A N3     1 
ATOM 345 C C4     . A A 1 11 ? 3.938   4.399   -2.152  1.00 0.00 ? 11 A A C4     1 
ATOM 346 H "H5'"  . A A 1 11 ? 9.636   5.135   -5.476  1.00 0.00 ? 11 A A "H5'"  1 
ATOM 347 H "H5''" . A A 1 11 ? 8.080   4.321   -5.602  1.00 0.00 ? 11 A A "H5''" 1 
ATOM 348 H "H4'"  . A A 1 11 ? 8.981   6.253   -3.416  1.00 0.00 ? 11 A A "H4'"  1 
ATOM 349 H "H3'"  . A A 1 11 ? 9.394   3.524   -3.538  1.00 0.00 ? 11 A A "H3'"  1 
ATOM 350 H "H2'"  . A A 1 11 ? 7.051   3.089   -3.955  1.00 0.00 ? 11 A A "H2'"  1 
ATOM 351 H "HO2'" . A A 1 11 ? 7.284   2.810   -1.148  1.00 0.00 ? 11 A A "HO2'" 1 
ATOM 352 H "H1'"  . A A 1 11 ? 6.516   5.019   -1.646  1.00 0.00 ? 11 A A "H1'"  1 
ATOM 353 H H8     . A A 1 11 ? 4.962   4.437   -5.203  1.00 0.00 ? 11 A A H8     1 
ATOM 354 H H61    . A A 1 11 ? -0.376  3.500   -2.212  1.00 0.00 ? 11 A A H61    1 
ATOM 355 H H62    . A A 1 11 ? 0.423   3.458   -3.769  1.00 0.00 ? 11 A A H62    1 
ATOM 356 H H2     . A A 1 11 ? 2.721   4.548   0.835   1.00 0.00 ? 11 A A H2     1 
ATOM 357 P P      . U A 1 12 ? 9.882   3.422   -0.702  1.00 0.00 ? 12 U A P      1 
ATOM 358 O OP1    . U A 1 12 ? 10.812  4.173   0.170   1.00 0.00 ? 12 U A OP1    1 
ATOM 359 O OP2    . U A 1 12 ? 10.394  2.292   -1.509  1.00 0.00 ? 12 U A OP2    1 
ATOM 360 O "O5'"  . U A 1 12 ? 8.663   2.872   0.209   1.00 0.00 ? 12 U A "O5'"  1 
ATOM 361 C "C5'"  . U A 1 12 ? 8.197   3.569   1.353   1.00 0.00 ? 12 U A "C5'"  1 
ATOM 362 C "C4'"  . U A 1 12 ? 6.969   2.883   1.970   1.00 0.00 ? 12 U A "C4'"  1 
ATOM 363 O "O4'"  . U A 1 12 ? 5.836   2.946   1.120   1.00 0.00 ? 12 U A "O4'"  1 
ATOM 364 C "C3'"  . U A 1 12 ? 7.123   1.380   2.229   1.00 0.00 ? 12 U A "C3'"  1 
ATOM 365 O "O3'"  . U A 1 12 ? 7.931   1.081   3.363   1.00 0.00 ? 12 U A "O3'"  1 
ATOM 366 C "C2'"  . U A 1 12 ? 5.656   0.947   2.354   1.00 0.00 ? 12 U A "C2'"  1 
ATOM 367 O "O2'"  . U A 1 12 ? 5.226   0.821   3.695   1.00 0.00 ? 12 U A "O2'"  1 
ATOM 368 C "C1'"  . U A 1 12 ? 4.865   2.086   1.694   1.00 0.00 ? 12 U A "C1'"  1 
ATOM 369 N N1     . U A 1 12 ? 3.853   1.560   0.730   1.00 0.00 ? 12 U A N1     1 
ATOM 370 C C2     . U A 1 12 ? 2.552   1.312   1.196   1.00 0.00 ? 12 U A C2     1 
ATOM 371 O O2     . U A 1 12 ? 2.236   1.377   2.381   1.00 0.00 ? 12 U A O2     1 
ATOM 372 N N3     . U A 1 12 ? 1.609   0.962   0.234   1.00 0.00 ? 12 U A N3     1 
ATOM 373 C C4     . U A 1 12 ? 1.864   0.767   -1.119  1.00 0.00 ? 12 U A C4     1 
ATOM 374 O O4     . U A 1 12 ? 0.944   0.496   -1.885  1.00 0.00 ? 12 U A O4     1 
ATOM 375 C C5     . U A 1 12 ? 3.264   0.895   -1.490  1.00 0.00 ? 12 U A C5     1 
ATOM 376 C C6     . U A 1 12 ? 4.196   1.276   -0.576  1.00 0.00 ? 12 U A C6     1 
ATOM 377 H "H5'"  . U A 1 12 ? 7.929   4.595   1.087   1.00 0.00 ? 12 U A "H5'"  1 
ATOM 378 H "H5''" . U A 1 12 ? 8.989   3.597   2.103   1.00 0.00 ? 12 U A "H5''" 1 
ATOM 379 H "H4'"  . U A 1 12 ? 6.729   3.391   2.909   1.00 0.00 ? 12 U A "H4'"  1 
ATOM 380 H "H3'"  . U A 1 12 ? 7.544   0.926   1.330   1.00 0.00 ? 12 U A "H3'"  1 
ATOM 381 H "H2'"  . U A 1 12 ? 5.527   0.010   1.817   1.00 0.00 ? 12 U A "H2'"  1 
ATOM 382 H "HO2'" . U A 1 12 ? 5.626   0.032   4.073   1.00 0.00 ? 12 U A "HO2'" 1 
ATOM 383 H "H1'"  . U A 1 12 ? 4.370   2.696   2.456   1.00 0.00 ? 12 U A "H1'"  1 
ATOM 384 H H3     . U A 1 12 ? 0.663   0.813   0.555   1.00 0.00 ? 12 U A H3     1 
ATOM 385 H H5     . U A 1 12 ? 3.566   0.692   -2.507  1.00 0.00 ? 12 U A H5     1 
ATOM 386 H H6     . U A 1 12 ? 5.229   1.348   -0.869  1.00 0.00 ? 12 U A H6     1 
ATOM 387 P P      . U A 1 13 ? 8.465   -0.422  3.676   1.00 0.00 ? 13 U A P      1 
ATOM 388 O OP1    . U A 1 13 ? 9.459   -0.327  4.768   1.00 0.00 ? 13 U A OP1    1 
ATOM 389 O OP2    . U A 1 13 ? 8.855   -1.043  2.391   1.00 0.00 ? 13 U A OP2    1 
ATOM 390 O "O5'"  . U A 1 13 ? 7.171   -1.225  4.235   1.00 0.00 ? 13 U A "O5'"  1 
ATOM 391 C "C5'"  . U A 1 13 ? 6.849   -1.289  5.617   1.00 0.00 ? 13 U A "C5'"  1 
ATOM 392 C "C4'"  . U A 1 13 ? 5.519   -2.028  5.837   1.00 0.00 ? 13 U A "C4'"  1 
ATOM 393 O "O4'"  . U A 1 13 ? 4.462   -1.389  5.139   1.00 0.00 ? 13 U A "O4'"  1 
ATOM 394 C "C3'"  . U A 1 13 ? 5.498   -3.482  5.351   1.00 0.00 ? 13 U A "C3'"  1 
ATOM 395 O "O3'"  . U A 1 13 ? 6.169   -4.374  6.231   1.00 0.00 ? 13 U A "O3'"  1 
ATOM 396 C "C2'"  . U A 1 13 ? 3.985   -3.710  5.273   1.00 0.00 ? 13 U A "C2'"  1 
ATOM 397 O "O2'"  . U A 1 13 ? 3.436   -4.007  6.545   1.00 0.00 ? 13 U A "O2'"  1 
ATOM 398 C "C1'"  . U A 1 13 ? 3.463   -2.343  4.805   1.00 0.00 ? 13 U A "C1'"  1 
ATOM 399 N N1     . U A 1 13 ? 3.169   -2.340  3.336   1.00 0.00 ? 13 U A N1     1 
ATOM 400 C C2     . U A 1 13 ? 1.838   -2.511  2.923   1.00 0.00 ? 13 U A C2     1 
ATOM 401 O O2     . U A 1 13 ? 0.918   -2.759  3.698   1.00 0.00 ? 13 U A O2     1 
ATOM 402 N N3     . U A 1 13 ? 1.593   -2.399  1.558   1.00 0.00 ? 13 U A N3     1 
ATOM 403 C C4     . U A 1 13 ? 2.551   -2.222  0.569   1.00 0.00 ? 13 U A C4     1 
ATOM 404 O O4     . U A 1 13 ? 2.214   -2.156  -0.610  1.00 0.00 ? 13 U A O4     1 
ATOM 405 C C5     . U A 1 13 ? 3.915   -2.148  1.065   1.00 0.00 ? 13 U A C5     1 
ATOM 406 C C6     . U A 1 13 ? 4.177   -2.209  2.398   1.00 0.00 ? 13 U A C6     1 
ATOM 407 H "H5'"  . U A 1 13 ? 6.759   -0.279  6.023   1.00 0.00 ? 13 U A "H5'"  1 
ATOM 408 H "H5''" . U A 1 13 ? 7.637   -1.816  6.158   1.00 0.00 ? 13 U A "H5''" 1 
ATOM 409 H "H4'"  . U A 1 13 ? 5.279   -2.009  6.902   1.00 0.00 ? 13 U A "H4'"  1 
ATOM 410 H "H3'"  . U A 1 13 ? 5.933   -3.530  4.351   1.00 0.00 ? 13 U A "H3'"  1 
ATOM 411 H "H2'"  . U A 1 13 ? 3.735   -4.509  4.581   1.00 0.00 ? 13 U A "H2'"  1 
ATOM 412 H "HO2'" . U A 1 13 ? 2.510   -4.234  6.432   1.00 0.00 ? 13 U A "HO2'" 1 
ATOM 413 H "H1'"  . U A 1 13 ? 2.573   -2.061  5.373   1.00 0.00 ? 13 U A "H1'"  1 
ATOM 414 H H3     . U A 1 13 ? 0.636   -2.492  1.249   1.00 0.00 ? 13 U A H3     1 
ATOM 415 H H5     . U A 1 13 ? 4.728   -2.040  0.363   1.00 0.00 ? 13 U A H5     1 
ATOM 416 H H6     . U A 1 13 ? 5.204   -2.140  2.720   1.00 0.00 ? 13 U A H6     1 
ATOM 417 P P      . C A 1 14 ? 6.548   -5.890  5.797   1.00 0.00 ? 14 C A P      1 
ATOM 418 O OP1    . C A 1 14 ? 7.233   -6.530  6.943   1.00 0.00 ? 14 C A OP1    1 
ATOM 419 O OP2    . C A 1 14 ? 7.230   -5.828  4.485   1.00 0.00 ? 14 C A OP2    1 
ATOM 420 O "O5'"  . C A 1 14 ? 5.127   -6.631  5.576   1.00 0.00 ? 14 C A "O5'"  1 
ATOM 421 C "C5'"  . C A 1 14 ? 4.344   -7.119  6.653   1.00 0.00 ? 14 C A "C5'"  1 
ATOM 422 C "C4'"  . C A 1 14 ? 2.989   -7.639  6.145   1.00 0.00 ? 14 C A "C4'"  1 
ATOM 423 O "O4'"  . C A 1 14 ? 2.265   -6.644  5.431   1.00 0.00 ? 14 C A "O4'"  1 
ATOM 424 C "C3'"  . C A 1 14 ? 3.086   -8.839  5.196   1.00 0.00 ? 14 C A "C3'"  1 
ATOM 425 O "O3'"  . C A 1 14 ? 3.376   -10.046 5.890   1.00 0.00 ? 14 C A "O3'"  1 
ATOM 426 C "C2'"  . C A 1 14 ? 1.679   -8.792  4.588   1.00 0.00 ? 14 C A "C2'"  1 
ATOM 427 O "O2'"  . C A 1 14 ? 0.713   -9.309  5.489   1.00 0.00 ? 14 C A "O2'"  1 
ATOM 428 C "C1'"  . C A 1 14 ? 1.463   -7.279  4.436   1.00 0.00 ? 14 C A "C1'"  1 
ATOM 429 N N1     . C A 1 14 ? 1.755   -6.781  3.052   1.00 0.00 ? 14 C A N1     1 
ATOM 430 C C2     . C A 1 14 ? 0.703   -6.745  2.116   1.00 0.00 ? 14 C A C2     1 
ATOM 431 O O2     . C A 1 14 ? -0.396  -7.234  2.368   1.00 0.00 ? 14 C A O2     1 
ATOM 432 N N3     . C A 1 14 ? 0.925   -6.167  0.896   1.00 0.00 ? 14 C A N3     1 
ATOM 433 C C4     . C A 1 14 ? 2.130   -5.669  0.574   1.00 0.00 ? 14 C A C4     1 
ATOM 434 N N4     . C A 1 14 ? 2.293   -5.151  -0.644  1.00 0.00 ? 14 C A N4     1 
ATOM 435 C C5     . C A 1 14 ? 3.246   -5.758  1.481   1.00 0.00 ? 14 C A C5     1 
ATOM 436 C C6     . C A 1 14 ? 3.012   -6.327  2.692   1.00 0.00 ? 14 C A C6     1 
ATOM 437 H "H5'"  . C A 1 14 ? 4.167   -6.330  7.384   1.00 0.00 ? 14 C A "H5'"  1 
ATOM 438 H "H5''" . C A 1 14 ? 4.870   -7.937  7.150   1.00 0.00 ? 14 C A "H5''" 1 
ATOM 439 H "H4'"  . C A 1 14 ? 2.390   -7.925  7.013   1.00 0.00 ? 14 C A "H4'"  1 
ATOM 440 H "H3'"  . C A 1 14 ? 3.832   -8.630  4.426   1.00 0.00 ? 14 C A "H3'"  1 
ATOM 441 H "H2'"  . C A 1 14 ? 1.587   -9.327  3.647   1.00 0.00 ? 14 C A "H2'"  1 
ATOM 442 H "HO2'" . C A 1 14 ? -0.150  -9.259  5.072   1.00 0.00 ? 14 C A "HO2'" 1 
ATOM 443 H "H1'"  . C A 1 14 ? 0.424   -7.060  4.657   1.00 0.00 ? 14 C A "H1'"  1 
ATOM 444 H H41    . C A 1 14 ? 1.505   -5.111  -1.271  1.00 0.00 ? 14 C A H41    1 
ATOM 445 H H42    . C A 1 14 ? 3.193   -4.803  -0.932  1.00 0.00 ? 14 C A H42    1 
ATOM 446 H H5     . C A 1 14 ? 4.241   -5.412  1.237   1.00 0.00 ? 14 C A H5     1 
ATOM 447 H H6     . C A 1 14 ? 3.835   -6.422  3.380   1.00 0.00 ? 14 C A H6     1 
ATOM 448 P P      . G A 1 15 ? 3.955   -11.363 5.148   1.00 0.00 ? 15 G A P      1 
ATOM 449 O OP1    . G A 1 15 ? 4.083   -12.434 6.160   1.00 0.00 ? 15 G A OP1    1 
ATOM 450 O OP2    . G A 1 15 ? 5.143   -10.957 4.365   1.00 0.00 ? 15 G A OP2    1 
ATOM 451 O "O5'"  . G A 1 15 ? 2.802   -11.794 4.104   1.00 0.00 ? 15 G A "O5'"  1 
ATOM 452 C "C5'"  . G A 1 15 ? 1.577   -12.381 4.514   1.00 0.00 ? 15 G A "C5'"  1 
ATOM 453 C "C4'"  . G A 1 15 ? 0.643   -12.476 3.298   1.00 0.00 ? 15 G A "C4'"  1 
ATOM 454 O "O4'"  . G A 1 15 ? 0.521   -11.210 2.661   1.00 0.00 ? 15 G A "O4'"  1 
ATOM 455 C "C3'"  . G A 1 15 ? 1.131   -13.507 2.260   1.00 0.00 ? 15 G A "C3'"  1 
ATOM 456 O "O3'"  . G A 1 15 ? 0.080   -14.431 1.987   1.00 0.00 ? 15 G A "O3'"  1 
ATOM 457 C "C2'"  . G A 1 15 ? 1.472   -12.609 1.070   1.00 0.00 ? 15 G A "C2'"  1 
ATOM 458 O "O2'"  . G A 1 15 ? 1.252   -13.207 -0.189  1.00 0.00 ? 15 G A "O2'"  1 
ATOM 459 C "C1'"  . G A 1 15 ? 0.588   -11.387 1.264   1.00 0.00 ? 15 G A "C1'"  1 
ATOM 460 N N9     . G A 1 15 ? 1.201   -10.247 0.543   1.00 0.00 ? 15 G A N9     1 
ATOM 461 C C8     . G A 1 15 ? 2.173   -9.389  0.990   1.00 0.00 ? 15 G A C8     1 
ATOM 462 N N7     . G A 1 15 ? 2.683   -8.624  0.068   1.00 0.00 ? 15 G A N7     1 
ATOM 463 C C5     . G A 1 15 ? 2.004   -8.993  -1.086  1.00 0.00 ? 15 G A C5     1 
ATOM 464 C C6     . G A 1 15 ? 2.133   -8.515  -2.431  1.00 0.00 ? 15 G A C6     1 
ATOM 465 O O6     . G A 1 15 ? 2.839   -7.597  -2.840  1.00 0.00 ? 15 G A O6     1 
ATOM 466 N N1     . G A 1 15 ? 1.338   -9.219  -3.343  1.00 0.00 ? 15 G A N1     1 
ATOM 467 C C2     . G A 1 15 ? 0.507   -10.274 -2.992  1.00 0.00 ? 15 G A C2     1 
ATOM 468 N N2     . G A 1 15 ? -0.175  -10.866 -3.973  1.00 0.00 ? 15 G A N2     1 
ATOM 469 N N3     . G A 1 15 ? 0.358   -10.699 -1.721  1.00 0.00 ? 15 G A N3     1 
ATOM 470 C C4     . G A 1 15 ? 1.127   -10.022 -0.814  1.00 0.00 ? 15 G A C4     1 
ATOM 471 H "H5'"  . G A 1 15 ? 1.098   -11.774 5.282   1.00 0.00 ? 15 G A "H5'"  1 
ATOM 472 H "H5''" . G A 1 15 ? 1.751   -13.377 4.924   1.00 0.00 ? 15 G A "H5''" 1 
ATOM 473 H "H4'"  . G A 1 15 ? -0.346  -12.760 3.665   1.00 0.00 ? 15 G A "H4'"  1 
ATOM 474 H "H3'"  . G A 1 15 ? 2.031   -14.016 2.613   1.00 0.00 ? 15 G A "H3'"  1 
ATOM 475 H "H2'"  . G A 1 15 ? 2.509   -12.282 1.159   1.00 0.00 ? 15 G A "H2'"  1 
ATOM 476 H "HO2'" . G A 1 15 ? 0.408   -13.667 -0.165  1.00 0.00 ? 15 G A "HO2'" 1 
ATOM 477 H "H1'"  . G A 1 15 ? -0.422  -11.565 0.919   1.00 0.00 ? 15 G A "H1'"  1 
ATOM 478 H H8     . G A 1 15 ? 2.500   -9.364  2.017   1.00 0.00 ? 15 G A H8     1 
ATOM 479 H H1     . G A 1 15 ? 1.385   -8.929  -4.309  1.00 0.00 ? 15 G A H1     1 
ATOM 480 H H21    . G A 1 15 ? -0.064  -10.556 -4.927  1.00 0.00 ? 15 G A H21    1 
ATOM 481 H H22    . G A 1 15 ? -0.794  -11.631 -3.751  1.00 0.00 ? 15 G A H22    1 
ATOM 482 P P      . A A 1 16 ? 0.327   -16.007 1.686   1.00 0.00 ? 16 A A P      1 
ATOM 483 O OP1    . A A 1 16 ? -1.003  -16.651 1.638   1.00 0.00 ? 16 A A OP1    1 
ATOM 484 O OP2    . A A 1 16 ? 1.341   -16.511 2.639   1.00 0.00 ? 16 A A OP2    1 
ATOM 485 O "O5'"  . A A 1 16 ? 0.945   -16.072 0.190   1.00 0.00 ? 16 A A "O5'"  1 
ATOM 486 C "C5'"  . A A 1 16 ? 2.341   -16.047 -0.067  1.00 0.00 ? 16 A A "C5'"  1 
ATOM 487 C "C4'"  . A A 1 16 ? 2.584   -16.083 -1.583  1.00 0.00 ? 16 A A "C4'"  1 
ATOM 488 O "O4'"  . A A 1 16 ? 2.000   -14.971 -2.246  1.00 0.00 ? 16 A A "O4'"  1 
ATOM 489 C "C3'"  . A A 1 16 ? 4.065   -16.000 -1.951  1.00 0.00 ? 16 A A "C3'"  1 
ATOM 490 O "O3'"  . A A 1 16 ? 4.760   -17.216 -1.747  1.00 0.00 ? 16 A A "O3'"  1 
ATOM 491 C "C2'"  . A A 1 16 ? 3.972   -15.603 -3.424  1.00 0.00 ? 16 A A "C2'"  1 
ATOM 492 O "O2'"  . A A 1 16 ? 3.725   -16.735 -4.239  1.00 0.00 ? 16 A A "O2'"  1 
ATOM 493 C "C1'"  . A A 1 16 ? 2.740   -14.681 -3.424  1.00 0.00 ? 16 A A "C1'"  1 
ATOM 494 N N9     . A A 1 16 ? 3.143   -13.249 -3.434  1.00 0.00 ? 16 A A N9     1 
ATOM 495 C C8     . A A 1 16 ? 3.545   -12.450 -2.389  1.00 0.00 ? 16 A A C8     1 
ATOM 496 N N7     . A A 1 16 ? 3.904   -11.245 -2.737  1.00 0.00 ? 16 A A N7     1 
ATOM 497 C C5     . A A 1 16 ? 3.734   -11.235 -4.118  1.00 0.00 ? 16 A A C5     1 
ATOM 498 C C6     . A A 1 16 ? 3.954   -10.260 -5.129  1.00 0.00 ? 16 A A C6     1 
ATOM 499 N N6     . A A 1 16 ? 4.397   -9.025  -4.878  1.00 0.00 ? 16 A A N6     1 
ATOM 500 N N1     . A A 1 16 ? 3.708   -10.586 -6.421  1.00 0.00 ? 16 A A N1     1 
ATOM 501 C C2     . A A 1 16 ? 3.255   -11.812 -6.703  1.00 0.00 ? 16 A A C2     1 
ATOM 502 N N3     . A A 1 16 ? 3.003   -12.809 -5.849  1.00 0.00 ? 16 A A N3     1 
ATOM 503 C C4     . A A 1 16 ? 3.268   -12.457 -4.553  1.00 0.00 ? 16 A A C4     1 
ATOM 504 H "H5'"  . A A 1 16 ? 2.810   -16.926 0.379   1.00 0.00 ? 16 A A "H5'"  1 
ATOM 505 H "H5''" . A A 1 16 ? 2.802   -15.155 0.361   1.00 0.00 ? 16 A A "H5''" 1 
ATOM 506 H "H4'"  . A A 1 16 ? 2.155   -16.997 -2.000  1.00 0.00 ? 16 A A "H4'"  1 
ATOM 507 H "H3'"  . A A 1 16 ? 4.551   -15.202 -1.386  1.00 0.00 ? 16 A A "H3'"  1 
ATOM 508 H "HO3'" . A A 1 16 ? 5.434   -17.102 -0.976  1.00 0.00 ? 16 A A "HO3'" 1 
ATOM 509 H "H2'"  . A A 1 16 ? 4.884   -15.110 -3.768  1.00 0.00 ? 16 A A "H2'"  1 
ATOM 510 H "HO2'" . A A 1 16 ? 4.400   -17.393 -4.051  1.00 0.00 ? 16 A A "HO2'" 1 
ATOM 511 H "H1'"  . A A 1 16 ? 2.105   -14.882 -4.290  1.00 0.00 ? 16 A A "H1'"  1 
ATOM 512 H H8     . A A 1 16 ? 3.576   -12.788 -1.363  1.00 0.00 ? 16 A A H8     1 
ATOM 513 H H61    . A A 1 16 ? 4.524   -8.381  -5.645  1.00 0.00 ? 16 A A H61    1 
ATOM 514 H H62    . A A 1 16 ? 4.544   -8.724  -3.925  1.00 0.00 ? 16 A A H62    1 
ATOM 515 H H2     . A A 1 16 ? 3.071   -12.019 -7.747  1.00 0.00 ? 16 A A H2     1 
# 
